data_1OGF
#
_entry.id   1OGF
#
_cell.length_a   122.314
_cell.length_b   106.222
_cell.length_c   82.648
_cell.angle_alpha   90.00
_cell.angle_beta   128.50
_cell.angle_gamma   90.00
#
_symmetry.space_group_name_H-M   'C 1 2 1'
#
loop_
_entity.id
_entity.type
_entity.pdbx_description
1 polymer 'HIGH AFFINITY RIBOSE TRANSPORT PROTEIN RBSD'
2 non-polymer GLYCEROL
3 non-polymer 'CHLORIDE ION'
4 water water
#
_entity_poly.entity_id   1
_entity_poly.type   'polypeptide(L)'
_entity_poly.pdbx_seq_one_letter_code
;MKKHGILNSHLAKILADLGHTDKIVIADAGLPVPDGVLKIDLSLKPGLPAFQDTAAVLAEEMAVEKVIAAAEIKASNQEN
AKFLENLFSEQEIEYLSHEEFKLLTKDAKAVIRTGEFTPYANCILQAGVLF
;
_entity_poly.pdbx_strand_id   A,B,C,D,E
#
loop_
_chem_comp.id
_chem_comp.type
_chem_comp.name
_chem_comp.formula
CL non-polymer 'CHLORIDE ION' 'Cl -1'
GOL non-polymer GLYCEROL 'C3 H8 O3'
#
# COMPACT_ATOMS: atom_id res chain seq x y z
N MET A 1 1.47 32.86 -17.91
CA MET A 1 0.58 31.72 -18.23
C MET A 1 1.19 30.78 -19.24
N LYS A 2 0.68 29.56 -19.27
CA LYS A 2 1.12 28.54 -20.20
C LYS A 2 0.66 28.99 -21.58
N LYS A 3 1.56 28.98 -22.56
CA LYS A 3 1.22 29.42 -23.92
C LYS A 3 0.40 28.42 -24.73
N HIS A 4 0.86 27.18 -24.81
CA HIS A 4 0.20 26.17 -25.61
C HIS A 4 -0.37 25.02 -24.78
N GLY A 5 -1.04 24.09 -25.47
CA GLY A 5 -1.62 22.93 -24.80
C GLY A 5 -2.99 23.13 -24.19
N ILE A 6 -3.49 22.07 -23.57
CA ILE A 6 -4.81 22.09 -22.95
C ILE A 6 -4.84 23.15 -21.85
N LEU A 7 -5.97 23.81 -21.70
CA LEU A 7 -6.13 24.87 -20.71
C LEU A 7 -6.25 24.41 -19.27
N ASN A 8 -6.93 23.28 -19.05
CA ASN A 8 -7.12 22.78 -17.70
C ASN A 8 -5.81 22.36 -17.05
N SER A 9 -5.52 22.94 -15.90
CA SER A 9 -4.29 22.63 -15.17
C SER A 9 -4.22 21.16 -14.74
N HIS A 10 -5.32 20.62 -14.24
CA HIS A 10 -5.32 19.22 -13.82
C HIS A 10 -5.08 18.28 -15.00
N LEU A 11 -5.74 18.55 -16.13
CA LEU A 11 -5.56 17.70 -17.32
C LEU A 11 -4.16 17.83 -17.89
N ALA A 12 -3.66 19.07 -17.92
CA ALA A 12 -2.31 19.31 -18.42
C ALA A 12 -1.31 18.40 -17.71
N LYS A 13 -1.44 18.31 -16.40
CA LYS A 13 -0.53 17.47 -15.61
C LYS A 13 -0.65 16.00 -15.97
N ILE A 14 -1.86 15.56 -16.29
CA ILE A 14 -2.08 14.18 -16.68
C ILE A 14 -1.44 13.89 -18.04
N LEU A 15 -1.69 14.76 -19.01
CA LEU A 15 -1.13 14.57 -20.35
C LEU A 15 0.38 14.61 -20.34
N ALA A 16 0.94 15.46 -19.47
CA ALA A 16 2.38 15.60 -19.35
C ALA A 16 3.12 14.30 -19.06
N ASP A 17 2.51 13.43 -18.26
CA ASP A 17 3.13 12.16 -17.90
C ASP A 17 2.81 11.01 -18.85
N LEU A 18 1.81 11.19 -19.72
CA LEU A 18 1.43 10.13 -20.65
C LEU A 18 2.59 9.55 -21.46
N GLY A 19 2.70 8.22 -21.42
CA GLY A 19 3.72 7.51 -22.15
C GLY A 19 2.95 6.64 -23.14
N HIS A 20 3.62 6.04 -24.11
CA HIS A 20 2.91 5.19 -25.07
C HIS A 20 2.12 4.09 -24.36
N THR A 21 0.82 4.07 -24.61
CA THR A 21 -0.16 3.12 -24.07
C THR A 21 -0.87 3.50 -22.77
N ASP A 22 -0.44 4.58 -22.11
CA ASP A 22 -1.12 4.99 -20.88
C ASP A 22 -2.55 5.38 -21.24
N LYS A 23 -3.47 5.20 -20.30
CA LYS A 23 -4.87 5.48 -20.59
C LYS A 23 -5.58 6.47 -19.67
N ILE A 24 -6.46 7.27 -20.25
CA ILE A 24 -7.26 8.18 -19.45
C ILE A 24 -8.70 7.85 -19.79
N VAL A 25 -9.62 8.33 -18.96
CA VAL A 25 -11.03 8.05 -19.16
C VAL A 25 -11.79 9.35 -19.17
N ILE A 26 -12.83 9.41 -20.00
CA ILE A 26 -13.71 10.56 -20.05
C ILE A 26 -15.00 9.88 -19.67
N ALA A 27 -15.66 10.37 -18.62
CA ALA A 27 -16.86 9.71 -18.15
C ALA A 27 -18.10 10.57 -18.03
N ASP A 28 -19.26 9.94 -18.08
CA ASP A 28 -20.50 10.67 -17.91
C ASP A 28 -20.58 10.90 -16.41
N ALA A 29 -21.61 11.61 -15.97
CA ALA A 29 -21.77 11.94 -14.56
C ALA A 29 -22.06 10.77 -13.59
N GLY A 30 -22.19 9.55 -14.12
CA GLY A 30 -22.49 8.42 -13.26
C GLY A 30 -21.46 7.29 -13.20
N LEU A 31 -20.42 7.36 -14.02
CA LEU A 31 -19.42 6.29 -13.99
C LEU A 31 -18.70 6.27 -12.65
N PRO A 32 -18.62 5.09 -12.01
CA PRO A 32 -17.93 4.97 -10.72
C PRO A 32 -16.43 5.05 -10.98
N VAL A 33 -15.70 5.72 -10.10
CA VAL A 33 -14.24 5.83 -10.26
C VAL A 33 -13.59 4.84 -9.30
N PRO A 34 -12.75 3.92 -9.82
CA PRO A 34 -12.08 2.93 -8.98
C PRO A 34 -11.20 3.61 -7.93
N ASP A 35 -10.98 2.93 -6.81
CA ASP A 35 -10.16 3.47 -5.75
C ASP A 35 -8.72 3.62 -6.21
N GLY A 36 -8.10 4.74 -5.89
CA GLY A 36 -6.73 4.98 -6.30
C GLY A 36 -6.58 5.68 -7.64
N VAL A 37 -7.67 5.81 -8.39
CA VAL A 37 -7.61 6.48 -9.68
C VAL A 37 -8.00 7.94 -9.50
N LEU A 38 -7.12 8.86 -9.89
CA LEU A 38 -7.41 10.27 -9.75
C LEU A 38 -8.67 10.65 -10.53
N LYS A 39 -9.53 11.45 -9.88
CA LYS A 39 -10.74 11.92 -10.50
C LYS A 39 -10.65 13.43 -10.69
N ILE A 40 -10.73 13.87 -11.94
CA ILE A 40 -10.70 15.29 -12.28
C ILE A 40 -12.12 15.60 -12.78
N ASP A 41 -12.93 16.15 -11.90
CA ASP A 41 -14.34 16.46 -12.20
C ASP A 41 -14.54 17.86 -12.79
N LEU A 42 -14.91 17.90 -14.07
CA LEU A 42 -15.13 19.15 -14.77
C LEU A 42 -16.59 19.58 -14.73
N SER A 43 -17.49 18.64 -14.39
CA SER A 43 -18.92 18.92 -14.35
C SER A 43 -19.28 20.26 -13.73
N LEU A 44 -20.32 20.88 -14.28
CA LEU A 44 -20.79 22.18 -13.81
C LEU A 44 -22.26 22.08 -13.41
N LYS A 45 -23.02 21.33 -14.21
CA LYS A 45 -24.45 21.12 -13.98
C LYS A 45 -24.80 20.01 -14.95
N PRO A 46 -25.98 19.40 -14.80
CA PRO A 46 -26.33 18.32 -15.73
C PRO A 46 -26.17 18.74 -17.19
N GLY A 47 -25.48 17.90 -17.96
CA GLY A 47 -25.25 18.19 -19.37
C GLY A 47 -23.99 18.97 -19.70
N LEU A 48 -23.47 19.72 -18.73
CA LEU A 48 -22.27 20.53 -18.94
C LEU A 48 -21.13 20.21 -18.00
N PRO A 49 -19.92 19.98 -18.54
CA PRO A 49 -19.65 20.00 -19.98
C PRO A 49 -20.06 18.68 -20.61
N ALA A 50 -20.32 18.70 -21.92
CA ALA A 50 -20.75 17.51 -22.63
C ALA A 50 -19.64 16.53 -22.92
N PHE A 51 -20.01 15.25 -22.96
CA PHE A 51 -19.09 14.16 -23.26
C PHE A 51 -18.36 14.44 -24.56
N GLN A 52 -19.14 14.81 -25.57
CA GLN A 52 -18.58 15.09 -26.88
C GLN A 52 -17.62 16.26 -26.86
N ASP A 53 -18.04 17.38 -26.28
CA ASP A 53 -17.16 18.55 -26.21
C ASP A 53 -15.84 18.21 -25.54
N THR A 54 -15.93 17.52 -24.40
CA THR A 54 -14.73 17.13 -23.66
C THR A 54 -13.86 16.18 -24.48
N ALA A 55 -14.50 15.21 -25.12
CA ALA A 55 -13.77 14.24 -25.93
C ALA A 55 -13.03 14.91 -27.08
N ALA A 56 -13.59 15.99 -27.61
CA ALA A 56 -12.98 16.70 -28.72
C ALA A 56 -11.71 17.42 -28.26
N VAL A 57 -11.82 18.12 -27.15
CA VAL A 57 -10.65 18.82 -26.62
C VAL A 57 -9.50 17.86 -26.41
N LEU A 58 -9.77 16.77 -25.71
CA LEU A 58 -8.71 15.79 -25.44
C LEU A 58 -8.07 15.23 -26.72
N ALA A 59 -8.88 15.05 -27.77
CA ALA A 59 -8.36 14.53 -29.03
C ALA A 59 -7.41 15.55 -29.66
N GLU A 60 -7.68 16.83 -29.41
CA GLU A 60 -6.86 17.91 -29.95
C GLU A 60 -5.56 18.11 -29.19
N GLU A 61 -5.51 17.61 -27.95
CA GLU A 61 -4.32 17.78 -27.12
C GLU A 61 -3.59 16.49 -26.81
N MET A 62 -4.19 15.36 -27.18
CA MET A 62 -3.58 14.07 -26.89
C MET A 62 -3.49 13.15 -28.10
N ALA A 63 -2.33 12.51 -28.27
CA ALA A 63 -2.11 11.59 -29.36
C ALA A 63 -2.73 10.25 -28.97
N VAL A 64 -3.93 9.99 -29.51
CA VAL A 64 -4.66 8.75 -29.23
C VAL A 64 -4.40 7.71 -30.30
N GLU A 65 -4.08 6.49 -29.88
CA GLU A 65 -3.82 5.39 -30.81
C GLU A 65 -4.94 4.38 -30.79
N LYS A 66 -5.80 4.46 -29.77
CA LYS A 66 -6.91 3.53 -29.63
C LYS A 66 -7.96 4.10 -28.69
N VAL A 67 -9.21 3.73 -28.93
CA VAL A 67 -10.33 4.18 -28.12
C VAL A 67 -11.15 2.97 -27.71
N ILE A 68 -11.53 2.90 -26.44
CA ILE A 68 -12.31 1.77 -25.94
C ILE A 68 -13.60 2.29 -25.33
N ALA A 69 -14.70 1.60 -25.61
CA ALA A 69 -16.00 1.98 -25.08
C ALA A 69 -16.85 0.75 -24.79
N ALA A 70 -17.94 0.96 -24.06
CA ALA A 70 -18.84 -0.14 -23.73
C ALA A 70 -19.84 -0.32 -24.88
N ALA A 71 -20.02 -1.57 -25.30
CA ALA A 71 -20.97 -1.88 -26.37
C ALA A 71 -22.33 -1.25 -26.08
N GLU A 72 -22.68 -1.20 -24.80
CA GLU A 72 -23.96 -0.62 -24.40
C GLU A 72 -24.13 0.82 -24.89
N ILE A 73 -23.06 1.45 -25.35
CA ILE A 73 -23.15 2.82 -25.82
C ILE A 73 -23.91 2.93 -27.14
N LYS A 74 -23.88 1.86 -27.93
CA LYS A 74 -24.57 1.85 -29.22
C LYS A 74 -26.08 1.71 -29.05
N ALA A 75 -26.51 0.84 -28.14
CA ALA A 75 -27.92 0.62 -27.89
C ALA A 75 -28.56 1.75 -27.09
N SER A 76 -27.85 2.23 -26.08
CA SER A 76 -28.35 3.29 -25.22
C SER A 76 -27.81 4.68 -25.57
N ASN A 77 -27.07 4.76 -26.67
CA ASN A 77 -26.51 6.05 -27.07
C ASN A 77 -25.96 6.02 -28.51
N GLN A 78 -26.85 5.85 -29.48
CA GLN A 78 -26.46 5.76 -30.88
C GLN A 78 -25.70 6.99 -31.41
N GLU A 79 -26.07 8.18 -30.93
CA GLU A 79 -25.42 9.41 -31.37
C GLU A 79 -23.94 9.44 -30.97
N ASN A 80 -23.69 9.42 -29.66
CA ASN A 80 -22.32 9.46 -29.13
C ASN A 80 -21.40 8.38 -29.69
N ALA A 81 -21.97 7.29 -30.20
CA ALA A 81 -21.17 6.21 -30.76
C ALA A 81 -20.64 6.59 -32.14
N LYS A 82 -21.43 7.34 -32.89
CA LYS A 82 -21.03 7.77 -34.23
C LYS A 82 -19.97 8.85 -34.09
N PHE A 83 -20.18 9.75 -33.14
CA PHE A 83 -19.25 10.83 -32.87
C PHE A 83 -17.83 10.29 -32.69
N LEU A 84 -17.70 9.27 -31.86
CA LEU A 84 -16.40 8.67 -31.59
C LEU A 84 -15.81 8.05 -32.85
N GLU A 85 -16.63 7.34 -33.62
CA GLU A 85 -16.19 6.71 -34.86
C GLU A 85 -15.62 7.79 -35.78
N ASN A 86 -16.33 8.90 -35.87
CA ASN A 86 -15.92 10.02 -36.72
C ASN A 86 -14.66 10.72 -36.21
N LEU A 87 -14.66 11.06 -34.91
CA LEU A 87 -13.54 11.76 -34.31
C LEU A 87 -12.23 10.98 -34.38
N PHE A 88 -12.28 9.68 -34.10
CA PHE A 88 -11.07 8.87 -34.13
C PHE A 88 -11.04 7.94 -35.34
N SER A 89 -11.07 8.56 -36.52
CA SER A 89 -11.05 7.87 -37.81
C SER A 89 -9.92 6.88 -37.95
N GLU A 90 -8.69 7.38 -37.79
CA GLU A 90 -7.49 6.57 -37.94
C GLU A 90 -7.14 5.73 -36.72
N GLN A 91 -8.01 5.72 -35.71
CA GLN A 91 -7.75 4.94 -34.51
C GLN A 91 -8.57 3.67 -34.41
N GLU A 92 -8.02 2.69 -33.69
CA GLU A 92 -8.71 1.43 -33.48
C GLU A 92 -9.78 1.68 -32.43
N ILE A 93 -11.01 1.23 -32.70
CA ILE A 93 -12.09 1.42 -31.75
C ILE A 93 -12.60 0.07 -31.31
N GLU A 94 -12.34 -0.27 -30.05
CA GLU A 94 -12.75 -1.54 -29.49
C GLU A 94 -13.92 -1.37 -28.52
N TYR A 95 -14.87 -2.31 -28.60
CA TYR A 95 -16.03 -2.29 -27.74
C TYR A 95 -16.02 -3.49 -26.81
N LEU A 96 -16.37 -3.25 -25.55
CA LEU A 96 -16.40 -4.30 -24.55
C LEU A 96 -17.69 -4.15 -23.77
N SER A 97 -18.01 -5.14 -22.95
CA SER A 97 -19.21 -5.02 -22.14
C SER A 97 -18.89 -3.93 -21.14
N HIS A 98 -19.90 -3.23 -20.67
CA HIS A 98 -19.68 -2.17 -19.70
C HIS A 98 -18.87 -2.71 -18.51
N GLU A 99 -19.17 -3.93 -18.09
CA GLU A 99 -18.44 -4.54 -16.96
C GLU A 99 -16.95 -4.63 -17.26
N GLU A 100 -16.59 -5.20 -18.41
CA GLU A 100 -15.18 -5.31 -18.77
C GLU A 100 -14.59 -3.91 -18.80
N PHE A 101 -15.34 -2.97 -19.36
CA PHE A 101 -14.92 -1.58 -19.46
C PHE A 101 -14.52 -1.03 -18.10
N LYS A 102 -15.42 -1.14 -17.13
CA LYS A 102 -15.15 -0.64 -15.79
C LYS A 102 -13.90 -1.28 -15.19
N LEU A 103 -13.71 -2.57 -15.41
CA LEU A 103 -12.54 -3.27 -14.90
C LEU A 103 -11.28 -2.66 -15.51
N LEU A 104 -11.42 -2.16 -16.73
CA LEU A 104 -10.30 -1.56 -17.45
C LEU A 104 -9.92 -0.21 -16.89
N THR A 105 -10.92 0.54 -16.43
CA THR A 105 -10.67 1.86 -15.87
C THR A 105 -9.76 1.84 -14.65
N LYS A 106 -9.57 0.65 -14.07
CA LYS A 106 -8.72 0.52 -12.89
C LYS A 106 -7.27 0.84 -13.21
N ASP A 107 -6.90 0.68 -14.48
CA ASP A 107 -5.53 0.96 -14.91
C ASP A 107 -5.35 2.39 -15.40
N ALA A 108 -6.44 3.13 -15.52
CA ALA A 108 -6.36 4.51 -16.02
C ALA A 108 -5.56 5.44 -15.10
N LYS A 109 -4.92 6.44 -15.71
CA LYS A 109 -4.12 7.41 -14.99
C LYS A 109 -5.06 8.40 -14.31
N ALA A 110 -6.28 8.45 -14.81
CA ALA A 110 -7.28 9.36 -14.26
C ALA A 110 -8.60 9.21 -14.98
N VAL A 111 -9.65 9.67 -14.32
CA VAL A 111 -10.98 9.64 -14.89
C VAL A 111 -11.44 11.09 -14.91
N ILE A 112 -11.77 11.57 -16.10
CA ILE A 112 -12.25 12.94 -16.28
C ILE A 112 -13.77 12.86 -16.28
N ARG A 113 -14.38 13.39 -15.23
CA ARG A 113 -15.83 13.36 -15.13
C ARG A 113 -16.45 14.56 -15.84
N THR A 114 -17.31 14.29 -16.81
CA THR A 114 -18.00 15.34 -17.56
C THR A 114 -19.37 15.49 -16.92
N GLY A 115 -20.20 16.39 -17.44
CA GLY A 115 -21.53 16.57 -16.89
C GLY A 115 -22.55 15.79 -17.69
N GLU A 116 -22.07 14.92 -18.56
CA GLU A 116 -22.92 14.11 -19.44
C GLU A 116 -23.92 13.25 -18.66
N PHE A 117 -25.20 13.46 -18.94
CA PHE A 117 -26.27 12.68 -18.30
C PHE A 117 -26.91 11.73 -19.29
N THR A 118 -26.06 11.02 -20.02
CA THR A 118 -26.47 10.06 -21.04
C THR A 118 -25.84 8.69 -20.76
N PRO A 119 -26.66 7.63 -20.77
CA PRO A 119 -26.26 6.24 -20.54
C PRO A 119 -25.03 5.71 -21.28
N TYR A 120 -24.08 5.19 -20.50
CA TYR A 120 -22.85 4.62 -21.03
C TYR A 120 -21.97 5.56 -21.86
N ALA A 121 -22.17 6.88 -21.68
CA ALA A 121 -21.36 7.87 -22.39
C ALA A 121 -19.96 7.94 -21.75
N ASN A 122 -19.18 6.89 -21.92
CA ASN A 122 -17.83 6.82 -21.38
C ASN A 122 -16.88 6.23 -22.40
N CYS A 123 -15.60 6.57 -22.30
CA CYS A 123 -14.60 6.02 -23.20
C CYS A 123 -13.21 6.13 -22.59
N ILE A 124 -12.31 5.29 -23.08
CA ILE A 124 -10.92 5.26 -22.63
C ILE A 124 -10.00 5.63 -23.80
N LEU A 125 -9.17 6.64 -23.61
CA LEU A 125 -8.24 7.06 -24.64
C LEU A 125 -6.88 6.45 -24.33
N GLN A 126 -6.34 5.69 -25.28
CA GLN A 126 -5.05 5.03 -25.11
C GLN A 126 -3.98 5.78 -25.90
N ALA A 127 -3.11 6.46 -25.18
CA ALA A 127 -2.02 7.27 -25.76
C ALA A 127 -1.16 6.59 -26.81
N GLY A 128 -0.90 7.31 -27.90
CA GLY A 128 -0.04 6.79 -28.95
C GLY A 128 1.36 7.37 -28.76
N VAL A 129 2.13 7.45 -29.84
CA VAL A 129 3.49 8.01 -29.77
C VAL A 129 3.68 9.10 -30.84
N LEU A 130 4.57 10.07 -30.54
CA LEU A 130 4.83 11.17 -31.46
C LEU A 130 6.01 10.86 -32.41
N PHE A 131 6.52 9.63 -32.33
CA PHE A 131 7.64 9.22 -33.16
C PHE A 131 7.70 7.69 -33.25
N MET B 1 29.20 23.23 -3.06
CA MET B 1 28.76 22.30 -4.13
C MET B 1 29.46 20.95 -4.05
N LYS B 2 28.81 19.93 -4.59
CA LYS B 2 29.35 18.58 -4.60
C LYS B 2 30.53 18.59 -5.58
N LYS B 3 31.70 18.10 -5.15
CA LYS B 3 32.89 18.09 -6.00
C LYS B 3 32.94 17.03 -7.08
N HIS B 4 32.49 15.82 -6.74
CA HIS B 4 32.57 14.72 -7.67
C HIS B 4 31.25 14.03 -8.00
N GLY B 5 31.27 13.27 -9.09
CA GLY B 5 30.09 12.51 -9.48
C GLY B 5 29.15 13.21 -10.45
N ILE B 6 28.07 12.51 -10.78
CA ILE B 6 27.09 13.02 -11.71
C ILE B 6 26.59 14.39 -11.22
N LEU B 7 26.33 15.29 -12.16
CA LEU B 7 25.88 16.64 -11.85
C LEU B 7 24.43 16.76 -11.41
N ASN B 8 23.55 16.00 -12.06
CA ASN B 8 22.14 16.06 -11.73
C ASN B 8 21.87 15.59 -10.30
N SER B 9 21.27 16.46 -9.50
CA SER B 9 20.96 16.15 -8.10
C SER B 9 20.01 14.97 -7.99
N HIS B 10 18.94 14.96 -8.80
CA HIS B 10 17.98 13.85 -8.76
C HIS B 10 18.70 12.54 -9.07
N LEU B 11 19.57 12.55 -10.09
CA LEU B 11 20.31 11.36 -10.49
C LEU B 11 21.33 10.90 -9.45
N ALA B 12 21.97 11.86 -8.80
CA ALA B 12 22.96 11.53 -7.77
C ALA B 12 22.27 10.75 -6.64
N LYS B 13 21.05 11.16 -6.28
CA LYS B 13 20.31 10.48 -5.22
C LYS B 13 20.02 9.05 -5.59
N ILE B 14 19.67 8.80 -6.85
CA ILE B 14 19.38 7.46 -7.33
C ILE B 14 20.62 6.58 -7.31
N LEU B 15 21.75 7.09 -7.79
CA LEU B 15 22.97 6.31 -7.82
C LEU B 15 23.45 6.01 -6.41
N ALA B 16 23.38 7.01 -5.54
CA ALA B 16 23.83 6.85 -4.17
C ALA B 16 23.24 5.62 -3.49
N ASP B 17 21.99 5.27 -3.82
CA ASP B 17 21.34 4.10 -3.21
C ASP B 17 21.54 2.80 -3.97
N LEU B 18 22.19 2.87 -5.13
CA LEU B 18 22.42 1.67 -5.94
C LEU B 18 23.18 0.58 -5.22
N GLY B 19 22.59 -0.61 -5.23
CA GLY B 19 23.21 -1.78 -4.63
C GLY B 19 23.44 -2.75 -5.78
N HIS B 20 24.28 -3.76 -5.59
CA HIS B 20 24.57 -4.73 -6.63
C HIS B 20 23.28 -5.36 -7.16
N THR B 21 23.05 -5.20 -8.47
CA THR B 21 21.90 -5.69 -9.24
C THR B 21 20.69 -4.76 -9.28
N ASP B 22 20.73 -3.60 -8.61
CA ASP B 22 19.59 -2.69 -8.71
C ASP B 22 19.55 -2.18 -10.14
N LYS B 23 18.35 -1.88 -10.65
CA LYS B 23 18.20 -1.43 -12.02
C LYS B 23 17.73 0.00 -12.22
N ILE B 24 18.19 0.60 -13.31
CA ILE B 24 17.85 1.97 -13.67
C ILE B 24 17.45 2.03 -15.15
N VAL B 25 16.56 2.95 -15.50
CA VAL B 25 16.13 3.04 -16.89
C VAL B 25 16.39 4.39 -17.56
N ILE B 26 16.91 4.34 -18.78
CA ILE B 26 17.13 5.56 -19.57
C ILE B 26 16.09 5.34 -20.66
N ALA B 27 15.14 6.27 -20.79
CA ALA B 27 14.07 6.12 -21.78
C ALA B 27 13.93 7.26 -22.78
N ASP B 28 13.26 6.96 -23.89
CA ASP B 28 13.01 7.98 -24.90
C ASP B 28 11.77 8.71 -24.41
N ALA B 29 11.36 9.77 -25.11
CA ALA B 29 10.22 10.56 -24.71
C ALA B 29 8.85 9.87 -24.72
N GLY B 30 8.81 8.61 -25.14
CA GLY B 30 7.53 7.93 -25.20
C GLY B 30 7.32 6.73 -24.29
N LEU B 31 8.40 6.20 -23.72
CA LEU B 31 8.27 5.04 -22.82
C LEU B 31 7.36 5.33 -21.63
N PRO B 32 6.38 4.44 -21.37
CA PRO B 32 5.49 4.67 -20.23
C PRO B 32 6.23 4.29 -18.95
N VAL B 33 5.98 5.04 -17.88
CA VAL B 33 6.62 4.74 -16.60
C VAL B 33 5.63 3.97 -15.72
N PRO B 34 6.03 2.77 -15.27
CA PRO B 34 5.12 2.00 -14.42
C PRO B 34 4.77 2.77 -13.14
N ASP B 35 3.56 2.60 -12.64
CA ASP B 35 3.14 3.30 -11.43
C ASP B 35 4.02 2.91 -10.26
N GLY B 36 4.45 3.92 -9.48
CA GLY B 36 5.30 3.64 -8.34
C GLY B 36 6.79 3.83 -8.62
N VAL B 37 7.17 3.87 -9.88
CA VAL B 37 8.56 4.06 -10.24
C VAL B 37 8.82 5.55 -10.44
N LEU B 38 9.84 6.05 -9.75
CA LEU B 38 10.22 7.45 -9.83
C LEU B 38 10.62 7.85 -11.27
N LYS B 39 10.08 8.97 -11.74
CA LYS B 39 10.38 9.47 -13.07
C LYS B 39 11.21 10.74 -12.97
N ILE B 40 12.43 10.71 -13.49
CA ILE B 40 13.31 11.87 -13.48
C ILE B 40 13.42 12.32 -14.94
N ASP B 41 12.63 13.31 -15.30
CA ASP B 41 12.56 13.85 -16.66
C ASP B 41 13.62 14.93 -16.95
N LEU B 42 14.55 14.60 -17.84
CA LEU B 42 15.62 15.52 -18.23
C LEU B 42 15.30 16.18 -19.57
N SER B 43 14.23 15.75 -20.23
CA SER B 43 13.85 16.27 -21.54
C SER B 43 13.73 17.79 -21.53
N LEU B 44 14.27 18.40 -22.58
CA LEU B 44 14.25 19.85 -22.74
C LEU B 44 13.34 20.21 -23.93
N LYS B 45 13.51 19.49 -25.03
CA LYS B 45 12.70 19.67 -26.22
C LYS B 45 12.94 18.43 -27.06
N PRO B 46 12.08 18.17 -28.05
CA PRO B 46 12.27 16.98 -28.89
C PRO B 46 13.72 16.74 -29.29
N GLY B 47 14.25 15.59 -28.88
CA GLY B 47 15.62 15.23 -29.21
C GLY B 47 16.65 15.65 -28.17
N LEU B 48 16.26 16.49 -27.22
CA LEU B 48 17.21 16.95 -26.21
C LEU B 48 16.77 16.77 -24.77
N PRO B 49 17.60 16.11 -23.94
CA PRO B 49 18.90 15.54 -24.31
C PRO B 49 18.73 14.20 -25.05
N ALA B 50 19.78 13.79 -25.74
CA ALA B 50 19.73 12.55 -26.51
C ALA B 50 20.03 11.29 -25.71
N PHE B 51 19.37 10.21 -26.09
CA PHE B 51 19.53 8.92 -25.44
C PHE B 51 21.01 8.61 -25.29
N GLN B 52 21.75 8.78 -26.37
CA GLN B 52 23.18 8.53 -26.36
C GLN B 52 23.92 9.36 -25.33
N ASP B 53 23.71 10.66 -25.35
CA ASP B 53 24.38 11.54 -24.39
C ASP B 53 24.02 11.14 -22.96
N THR B 54 22.75 10.87 -22.71
CA THR B 54 22.34 10.47 -21.37
C THR B 54 23.00 9.15 -20.97
N ALA B 55 23.06 8.20 -21.90
CA ALA B 55 23.66 6.91 -21.62
C ALA B 55 25.14 7.04 -21.25
N ALA B 56 25.86 7.88 -22.01
CA ALA B 56 27.28 8.11 -21.77
C ALA B 56 27.55 8.63 -20.36
N VAL B 57 26.76 9.59 -19.92
CA VAL B 57 26.94 10.13 -18.58
C VAL B 57 26.75 9.05 -17.52
N LEU B 58 25.63 8.34 -17.58
CA LEU B 58 25.35 7.28 -16.62
C LEU B 58 26.42 6.18 -16.62
N ALA B 59 26.89 5.82 -17.81
CA ALA B 59 27.92 4.79 -17.94
C ALA B 59 29.21 5.18 -17.24
N GLU B 60 29.50 6.48 -17.22
CA GLU B 60 30.72 6.96 -16.59
C GLU B 60 30.59 7.20 -15.10
N GLU B 61 29.35 7.27 -14.61
CA GLU B 61 29.11 7.52 -13.18
C GLU B 61 28.52 6.33 -12.41
N MET B 62 28.14 5.28 -13.15
CA MET B 62 27.55 4.09 -12.56
C MET B 62 28.28 2.84 -13.02
N ALA B 63 28.60 1.94 -12.09
CA ALA B 63 29.27 0.69 -12.44
C ALA B 63 28.18 -0.24 -12.99
N VAL B 64 28.22 -0.53 -14.28
CA VAL B 64 27.22 -1.39 -14.91
C VAL B 64 27.76 -2.77 -15.26
N GLU B 65 26.99 -3.81 -14.91
CA GLU B 65 27.43 -5.17 -15.19
C GLU B 65 26.60 -5.82 -16.28
N LYS B 66 25.46 -5.21 -16.59
CA LYS B 66 24.58 -5.74 -17.62
C LYS B 66 23.66 -4.67 -18.16
N VAL B 67 23.30 -4.80 -19.42
CA VAL B 67 22.41 -3.84 -20.07
C VAL B 67 21.33 -4.66 -20.76
N ILE B 68 20.10 -4.17 -20.69
CA ILE B 68 18.97 -4.88 -21.28
C ILE B 68 18.23 -3.92 -22.19
N ALA B 69 17.84 -4.38 -23.36
CA ALA B 69 17.11 -3.54 -24.30
C ALA B 69 16.09 -4.37 -25.06
N ALA B 70 15.21 -3.70 -25.78
CA ALA B 70 14.18 -4.37 -26.57
C ALA B 70 14.80 -4.79 -27.90
N ALA B 71 14.46 -5.98 -28.36
CA ALA B 71 14.99 -6.46 -29.64
C ALA B 71 14.59 -5.53 -30.78
N GLU B 72 13.40 -4.96 -30.66
CA GLU B 72 12.89 -4.05 -31.69
C GLU B 72 13.86 -2.93 -32.06
N ILE B 73 14.80 -2.61 -31.17
CA ILE B 73 15.77 -1.54 -31.40
C ILE B 73 16.77 -1.85 -32.52
N LYS B 74 17.19 -3.11 -32.61
CA LYS B 74 18.16 -3.52 -33.63
C LYS B 74 17.74 -3.18 -35.06
N ALA B 75 16.44 -3.26 -35.35
CA ALA B 75 15.95 -2.98 -36.69
C ALA B 75 15.27 -1.62 -36.84
N SER B 76 14.55 -1.18 -35.81
CA SER B 76 13.86 0.10 -35.90
C SER B 76 14.74 1.29 -35.51
N ASN B 77 15.87 1.01 -34.85
CA ASN B 77 16.77 2.09 -34.44
C ASN B 77 18.21 1.58 -34.39
N GLN B 78 18.71 1.23 -35.57
CA GLN B 78 20.05 0.69 -35.75
C GLN B 78 21.16 1.58 -35.19
N GLU B 79 20.99 2.89 -35.32
CA GLU B 79 21.99 3.83 -34.82
C GLU B 79 22.18 3.65 -33.31
N ASN B 80 21.16 3.99 -32.54
CA ASN B 80 21.24 3.86 -31.09
C ASN B 80 21.53 2.42 -30.67
N ALA B 81 21.22 1.46 -31.53
CA ALA B 81 21.48 0.06 -31.23
C ALA B 81 22.99 -0.19 -31.29
N LYS B 82 23.64 0.33 -32.33
CA LYS B 82 25.09 0.16 -32.46
C LYS B 82 25.78 0.84 -31.28
N PHE B 83 25.33 2.06 -31.00
CA PHE B 83 25.86 2.86 -29.90
C PHE B 83 25.95 2.03 -28.63
N LEU B 84 24.83 1.43 -28.24
CA LEU B 84 24.75 0.62 -27.03
C LEU B 84 25.80 -0.47 -27.03
N GLU B 85 25.90 -1.20 -28.14
CA GLU B 85 26.87 -2.28 -28.25
C GLU B 85 28.29 -1.77 -28.04
N ASN B 86 28.58 -0.60 -28.61
CA ASN B 86 29.90 -0.01 -28.49
C ASN B 86 30.22 0.53 -27.10
N LEU B 87 29.29 1.30 -26.53
CA LEU B 87 29.47 1.89 -25.20
C LEU B 87 29.63 0.82 -24.13
N PHE B 88 28.72 -0.15 -24.13
CA PHE B 88 28.77 -1.23 -23.16
C PHE B 88 29.32 -2.49 -23.82
N SER B 89 30.43 -2.34 -24.52
CA SER B 89 31.05 -3.46 -25.22
C SER B 89 31.53 -4.58 -24.29
N GLU B 90 31.90 -4.22 -23.07
CA GLU B 90 32.40 -5.19 -22.11
C GLU B 90 31.32 -5.77 -21.20
N GLN B 91 30.14 -5.16 -21.19
CA GLN B 91 29.04 -5.64 -20.35
C GLN B 91 28.20 -6.69 -21.08
N GLU B 92 27.42 -7.43 -20.31
CA GLU B 92 26.53 -8.43 -20.86
C GLU B 92 25.31 -7.69 -21.40
N ILE B 93 25.02 -7.87 -22.69
CA ILE B 93 23.88 -7.20 -23.30
C ILE B 93 22.80 -8.21 -23.67
N GLU B 94 21.64 -8.07 -23.06
CA GLU B 94 20.51 -8.97 -23.31
C GLU B 94 19.36 -8.23 -23.97
N TYR B 95 18.74 -8.88 -24.95
CA TYR B 95 17.60 -8.30 -25.65
C TYR B 95 16.35 -9.11 -25.34
N LEU B 96 15.25 -8.41 -25.08
CA LEU B 96 13.96 -9.03 -24.78
C LEU B 96 12.97 -8.33 -25.67
N SER B 97 11.79 -8.91 -25.83
CA SER B 97 10.77 -8.26 -26.64
C SER B 97 10.48 -6.97 -25.89
N HIS B 98 9.99 -5.95 -26.58
CA HIS B 98 9.69 -4.68 -25.93
C HIS B 98 8.68 -4.86 -24.81
N GLU B 99 7.81 -5.85 -24.94
CA GLU B 99 6.80 -6.10 -23.92
C GLU B 99 7.45 -6.60 -22.64
N GLU B 100 8.34 -7.59 -22.77
CA GLU B 100 9.05 -8.14 -21.63
C GLU B 100 9.87 -7.03 -20.98
N PHE B 101 10.52 -6.24 -21.83
CA PHE B 101 11.34 -5.14 -21.36
C PHE B 101 10.51 -4.23 -20.48
N LYS B 102 9.33 -3.86 -20.95
CA LYS B 102 8.47 -2.98 -20.16
C LYS B 102 8.09 -3.61 -18.82
N LEU B 103 7.73 -4.89 -18.83
CA LEU B 103 7.40 -5.56 -17.58
C LEU B 103 8.60 -5.46 -16.65
N LEU B 104 9.79 -5.59 -17.20
CA LEU B 104 11.00 -5.54 -16.39
C LEU B 104 11.24 -4.15 -15.79
N THR B 105 10.70 -3.11 -16.41
CA THR B 105 10.90 -1.76 -15.88
C THR B 105 10.12 -1.53 -14.58
N LYS B 106 9.26 -2.48 -14.21
CA LYS B 106 8.47 -2.39 -12.98
C LYS B 106 9.39 -2.42 -11.78
N ASP B 107 10.48 -3.16 -11.90
CA ASP B 107 11.44 -3.31 -10.83
C ASP B 107 12.50 -2.22 -10.78
N ALA B 108 12.47 -1.28 -11.72
CA ALA B 108 13.46 -0.21 -11.77
C ALA B 108 13.36 0.77 -10.60
N LYS B 109 14.50 1.31 -10.19
CA LYS B 109 14.53 2.29 -9.10
C LYS B 109 14.08 3.64 -9.62
N ALA B 110 14.14 3.81 -10.94
CA ALA B 110 13.75 5.07 -11.55
C ALA B 110 13.84 5.00 -13.05
N VAL B 111 13.09 5.87 -13.72
CA VAL B 111 13.12 5.96 -15.17
C VAL B 111 13.58 7.39 -15.45
N ILE B 112 14.68 7.49 -16.19
CA ILE B 112 15.24 8.78 -16.58
C ILE B 112 14.76 9.07 -17.99
N ARG B 113 13.84 10.02 -18.11
CA ARG B 113 13.30 10.36 -19.41
C ARG B 113 14.19 11.36 -20.14
N THR B 114 14.60 11.01 -21.35
CA THR B 114 15.44 11.86 -22.18
C THR B 114 14.52 12.49 -23.22
N GLY B 115 15.07 13.30 -24.13
CA GLY B 115 14.26 13.93 -25.15
C GLY B 115 14.26 13.13 -26.44
N GLU B 116 14.98 12.00 -26.42
CA GLU B 116 15.11 11.11 -27.58
C GLU B 116 13.77 10.86 -28.27
N PHE B 117 13.73 11.12 -29.58
CA PHE B 117 12.50 10.93 -30.36
C PHE B 117 12.61 9.86 -31.44
N THR B 118 13.25 8.76 -31.11
CA THR B 118 13.37 7.66 -32.05
C THR B 118 12.89 6.39 -31.34
N PRO B 119 12.06 5.59 -32.02
CA PRO B 119 11.49 4.35 -31.47
C PRO B 119 12.46 3.37 -30.80
N TYR B 120 12.01 2.83 -29.66
CA TYR B 120 12.75 1.85 -28.87
C TYR B 120 14.08 2.29 -28.32
N ALA B 121 14.23 3.60 -28.15
CA ALA B 121 15.47 4.14 -27.61
C ALA B 121 15.41 4.09 -26.08
N ASN B 122 15.32 2.88 -25.54
CA ASN B 122 15.28 2.68 -24.09
C ASN B 122 16.24 1.56 -23.71
N CYS B 123 16.71 1.58 -22.47
CA CYS B 123 17.59 0.54 -22.00
C CYS B 123 17.59 0.50 -20.48
N ILE B 124 18.03 -0.62 -19.93
CA ILE B 124 18.09 -0.79 -18.49
C ILE B 124 19.52 -1.05 -18.06
N LEU B 125 19.99 -0.28 -17.09
CA LEU B 125 21.33 -0.48 -16.60
C LEU B 125 21.22 -1.24 -15.27
N GLN B 126 21.89 -2.37 -15.18
CA GLN B 126 21.88 -3.16 -13.95
C GLN B 126 23.21 -2.92 -13.25
N ALA B 127 23.15 -2.40 -12.03
CA ALA B 127 24.34 -2.08 -11.24
C ALA B 127 25.25 -3.25 -10.92
N GLY B 128 26.55 -2.98 -10.94
CA GLY B 128 27.55 -3.98 -10.62
C GLY B 128 28.09 -3.68 -9.23
N VAL B 129 29.30 -4.14 -8.92
CA VAL B 129 29.90 -3.90 -7.60
C VAL B 129 31.32 -3.41 -7.76
N LEU B 130 31.77 -2.58 -6.83
CA LEU B 130 33.13 -2.03 -6.88
C LEU B 130 34.15 -2.93 -6.18
N PHE B 131 33.69 -4.08 -5.69
CA PHE B 131 34.57 -5.04 -5.01
C PHE B 131 34.03 -6.47 -5.11
N MET C 1 21.68 13.58 27.35
CA MET C 1 21.95 12.45 26.43
C MET C 1 21.50 11.12 26.99
N LYS C 2 21.43 10.12 26.12
CA LYS C 2 21.04 8.78 26.51
C LYS C 2 22.26 8.23 27.29
N LYS C 3 22.03 7.61 28.44
CA LYS C 3 23.15 7.09 29.24
C LYS C 3 23.64 5.71 28.81
N HIS C 4 22.73 4.81 28.50
CA HIS C 4 23.12 3.46 28.10
C HIS C 4 22.72 3.10 26.67
N GLY C 5 23.07 1.87 26.27
CA GLY C 5 22.74 1.40 24.94
C GLY C 5 23.64 1.90 23.83
N ILE C 6 23.33 1.43 22.62
CA ILE C 6 24.08 1.79 21.43
C ILE C 6 24.05 3.30 21.21
N LEU C 7 25.16 3.86 20.73
CA LEU C 7 25.28 5.29 20.50
C LEU C 7 24.46 5.85 19.33
N ASN C 8 24.36 5.10 18.25
CA ASN C 8 23.63 5.57 17.07
C ASN C 8 22.13 5.69 17.28
N SER C 9 21.62 6.91 17.07
CA SER C 9 20.21 7.19 17.22
C SER C 9 19.34 6.34 16.31
N HIS C 10 19.67 6.29 15.02
CA HIS C 10 18.88 5.48 14.09
C HIS C 10 18.85 4.02 14.57
N LEU C 11 20.00 3.49 14.93
CA LEU C 11 20.09 2.10 15.40
C LEU C 11 19.30 1.88 16.69
N ALA C 12 19.40 2.84 17.60
CA ALA C 12 18.70 2.74 18.88
C ALA C 12 17.20 2.52 18.67
N LYS C 13 16.61 3.35 17.81
CA LYS C 13 15.18 3.24 17.53
C LYS C 13 14.82 1.85 17.00
N ILE C 14 15.69 1.29 16.16
CA ILE C 14 15.46 -0.03 15.60
C ILE C 14 15.52 -1.11 16.68
N LEU C 15 16.59 -1.09 17.48
CA LEU C 15 16.74 -2.07 18.53
C LEU C 15 15.58 -1.97 19.50
N ALA C 16 15.16 -0.74 19.78
CA ALA C 16 14.06 -0.48 20.71
C ALA C 16 12.78 -1.22 20.37
N ASP C 17 12.51 -1.41 19.08
CA ASP C 17 11.28 -2.09 18.66
C ASP C 17 11.44 -3.59 18.47
N LEU C 18 12.67 -4.08 18.56
CA LEU C 18 12.90 -5.50 18.34
C LEU C 18 12.11 -6.41 19.26
N GLY C 19 11.38 -7.34 18.63
CA GLY C 19 10.61 -8.32 19.35
C GLY C 19 11.26 -9.65 18.99
N HIS C 20 11.06 -10.67 19.80
CA HIS C 20 11.65 -11.98 19.55
C HIS C 20 11.42 -12.46 18.11
N THR C 21 12.53 -12.76 17.43
CA THR C 21 12.61 -13.25 16.05
C THR C 21 12.67 -12.17 14.99
N ASP C 22 12.59 -10.90 15.39
CA ASP C 22 12.68 -9.83 14.39
C ASP C 22 14.10 -9.87 13.84
N LYS C 23 14.29 -9.36 12.63
CA LYS C 23 15.61 -9.41 12.01
C LYS C 23 16.12 -8.10 11.47
N ILE C 24 17.44 -7.91 11.57
CA ILE C 24 18.10 -6.73 11.02
C ILE C 24 19.29 -7.25 10.21
N VAL C 25 19.76 -6.43 9.28
CA VAL C 25 20.89 -6.85 8.45
C VAL C 25 22.07 -5.93 8.63
N ILE C 26 23.28 -6.50 8.57
CA ILE C 26 24.50 -5.73 8.62
C ILE C 26 25.05 -6.04 7.24
N ALA C 27 25.27 -5.00 6.42
CA ALA C 27 25.69 -5.22 5.05
C ALA C 27 26.97 -4.52 4.60
N ASP C 28 27.52 -5.02 3.49
CA ASP C 28 28.71 -4.42 2.93
C ASP C 28 28.19 -3.33 1.99
N ALA C 29 29.09 -2.53 1.44
CA ALA C 29 28.71 -1.41 0.57
C ALA C 29 28.01 -1.77 -0.73
N GLY C 30 27.90 -3.06 -1.03
CA GLY C 30 27.26 -3.46 -2.27
C GLY C 30 25.91 -4.16 -2.19
N LEU C 31 25.49 -4.57 -1.00
CA LEU C 31 24.21 -5.27 -0.87
C LEU C 31 23.00 -4.42 -1.25
N PRO C 32 22.16 -4.91 -2.16
CA PRO C 32 20.98 -4.12 -2.53
C PRO C 32 20.00 -4.17 -1.36
N VAL C 33 19.26 -3.09 -1.15
CA VAL C 33 18.28 -3.04 -0.07
C VAL C 33 16.88 -3.18 -0.67
N PRO C 34 16.15 -4.23 -0.27
CA PRO C 34 14.79 -4.46 -0.79
C PRO C 34 13.91 -3.22 -0.58
N ASP C 35 12.98 -2.98 -1.51
CA ASP C 35 12.08 -1.84 -1.43
C ASP C 35 11.23 -1.89 -0.18
N GLY C 36 11.16 -0.76 0.53
CA GLY C 36 10.37 -0.71 1.75
C GLY C 36 11.16 -0.96 3.02
N VAL C 37 12.41 -1.43 2.90
CA VAL C 37 13.22 -1.70 4.09
C VAL C 37 14.10 -0.52 4.43
N LEU C 38 13.93 0.00 5.64
CA LEU C 38 14.70 1.15 6.10
C LEU C 38 16.20 0.90 5.99
N LYS C 39 16.90 1.82 5.33
CA LYS C 39 18.34 1.72 5.16
C LYS C 39 19.04 2.74 6.05
N ILE C 40 19.90 2.26 6.94
CA ILE C 40 20.65 3.14 7.82
C ILE C 40 22.10 2.97 7.37
N ASP C 41 22.59 3.97 6.65
CA ASP C 41 23.94 3.95 6.08
C ASP C 41 24.97 4.59 7.01
N LEU C 42 25.90 3.78 7.52
CA LEU C 42 26.93 4.29 8.44
C LEU C 42 28.26 4.53 7.73
N SER C 43 28.35 4.15 6.45
CA SER C 43 29.60 4.28 5.69
C SER C 43 30.15 5.70 5.61
N LEU C 44 31.47 5.81 5.69
CA LEU C 44 32.15 7.10 5.62
C LEU C 44 33.02 7.12 4.38
N LYS C 45 33.70 5.99 4.13
CA LYS C 45 34.55 5.83 2.97
C LYS C 45 34.91 4.36 2.87
N PRO C 46 35.37 3.91 1.69
CA PRO C 46 35.74 2.51 1.49
C PRO C 46 36.43 1.82 2.67
N GLY C 47 35.75 0.83 3.24
CA GLY C 47 36.31 0.09 4.35
C GLY C 47 35.90 0.56 5.73
N LEU C 48 35.35 1.77 5.82
CA LEU C 48 34.96 2.32 7.11
C LEU C 48 33.51 2.77 7.14
N PRO C 49 32.75 2.31 8.15
CA PRO C 49 33.21 1.41 9.20
C PRO C 49 33.25 -0.03 8.69
N ALA C 50 34.11 -0.85 9.30
CA ALA C 50 34.26 -2.23 8.91
C ALA C 50 33.11 -3.12 9.33
N PHE C 51 32.85 -4.14 8.53
CA PHE C 51 31.78 -5.09 8.80
C PHE C 51 31.96 -5.68 10.19
N GLN C 52 33.19 -6.05 10.52
CA GLN C 52 33.50 -6.65 11.82
C GLN C 52 33.19 -5.72 12.99
N ASP C 53 33.69 -4.48 12.92
CA ASP C 53 33.44 -3.52 14.00
C ASP C 53 31.95 -3.27 14.23
N THR C 54 31.21 -3.10 13.13
CA THR C 54 29.77 -2.87 13.21
C THR C 54 29.10 -4.09 13.83
N ALA C 55 29.50 -5.27 13.38
CA ALA C 55 28.95 -6.51 13.88
C ALA C 55 29.23 -6.71 15.36
N ALA C 56 30.39 -6.23 15.82
CA ALA C 56 30.75 -6.35 17.23
C ALA C 56 29.84 -5.47 18.10
N VAL C 57 29.65 -4.22 17.69
CA VAL C 57 28.80 -3.30 18.44
C VAL C 57 27.37 -3.83 18.55
N LEU C 58 26.84 -4.34 17.45
CA LEU C 58 25.48 -4.88 17.46
C LEU C 58 25.36 -6.11 18.35
N ALA C 59 26.44 -6.89 18.43
CA ALA C 59 26.46 -8.10 19.24
C ALA C 59 26.42 -7.72 20.72
N GLU C 60 26.99 -6.57 21.01
CA GLU C 60 27.06 -6.05 22.38
C GLU C 60 25.78 -5.36 22.82
N GLU C 61 24.96 -4.93 21.86
CA GLU C 61 23.73 -4.20 22.17
C GLU C 61 22.42 -4.92 21.85
N MET C 62 22.53 -6.06 21.17
CA MET C 62 21.35 -6.81 20.78
C MET C 62 21.45 -8.28 21.16
N ALA C 63 20.34 -8.84 21.62
CA ALA C 63 20.30 -10.24 22.00
C ALA C 63 20.03 -11.03 20.72
N VAL C 64 21.05 -11.70 20.22
CA VAL C 64 20.95 -12.49 18.99
C VAL C 64 20.80 -13.98 19.28
N GLU C 65 19.75 -14.58 18.70
CA GLU C 65 19.52 -16.01 18.91
C GLU C 65 19.89 -16.80 17.65
N LYS C 66 20.18 -16.08 16.57
CA LYS C 66 20.53 -16.72 15.32
C LYS C 66 21.19 -15.75 14.36
N VAL C 67 22.13 -16.28 13.58
CA VAL C 67 22.86 -15.46 12.61
C VAL C 67 22.74 -16.16 11.27
N ILE C 68 22.52 -15.37 10.22
CA ILE C 68 22.38 -15.93 8.87
C ILE C 68 23.35 -15.22 7.95
N ALA C 69 24.01 -16.00 7.09
CA ALA C 69 24.96 -15.45 6.13
C ALA C 69 24.94 -16.30 4.87
N ALA C 70 25.50 -15.77 3.79
CA ALA C 70 25.54 -16.48 2.52
C ALA C 70 26.77 -17.40 2.50
N ALA C 71 26.60 -18.62 2.00
CA ALA C 71 27.71 -19.57 1.93
C ALA C 71 28.88 -19.02 1.11
N GLU C 72 28.60 -18.15 0.13
CA GLU C 72 29.65 -17.57 -0.70
C GLU C 72 30.69 -16.81 0.13
N ILE C 73 30.33 -16.45 1.37
CA ILE C 73 31.26 -15.73 2.23
C ILE C 73 32.43 -16.61 2.66
N LYS C 74 32.23 -17.91 2.66
CA LYS C 74 33.29 -18.85 3.05
C LYS C 74 34.30 -19.04 1.92
N ALA C 75 33.86 -18.78 0.69
CA ALA C 75 34.70 -18.94 -0.48
C ALA C 75 35.67 -17.79 -0.75
N SER C 76 35.13 -16.58 -0.75
CA SER C 76 35.92 -15.39 -1.04
C SER C 76 36.35 -14.59 0.19
N ASN C 77 35.55 -14.62 1.24
CA ASN C 77 35.90 -13.83 2.41
C ASN C 77 35.97 -14.63 3.72
N GLN C 78 36.92 -15.55 3.79
CA GLN C 78 37.11 -16.39 4.97
C GLN C 78 37.40 -15.61 6.25
N GLU C 79 38.09 -14.48 6.10
CA GLU C 79 38.42 -13.68 7.27
C GLU C 79 37.15 -13.28 8.02
N ASN C 80 36.23 -12.62 7.31
CA ASN C 80 34.98 -12.18 7.90
C ASN C 80 34.06 -13.33 8.26
N ALA C 81 34.22 -14.46 7.57
CA ALA C 81 33.41 -15.62 7.86
C ALA C 81 33.86 -16.22 9.19
N LYS C 82 35.17 -16.21 9.44
CA LYS C 82 35.69 -16.75 10.71
C LYS C 82 35.33 -15.81 11.85
N PHE C 83 35.47 -14.51 11.62
CA PHE C 83 35.14 -13.52 12.63
C PHE C 83 33.73 -13.75 13.14
N LEU C 84 32.79 -13.83 12.20
CA LEU C 84 31.38 -14.03 12.51
C LEU C 84 31.14 -15.30 13.33
N GLU C 85 31.84 -16.38 12.99
CA GLU C 85 31.68 -17.65 13.69
C GLU C 85 32.13 -17.54 15.14
N ASN C 86 33.26 -16.88 15.37
CA ASN C 86 33.78 -16.72 16.72
C ASN C 86 33.00 -15.69 17.55
N LEU C 87 32.48 -14.65 16.89
CA LEU C 87 31.73 -13.62 17.59
C LEU C 87 30.45 -14.22 18.16
N PHE C 88 29.80 -15.08 17.37
CA PHE C 88 28.57 -15.71 17.79
C PHE C 88 28.77 -17.21 18.04
N SER C 89 29.72 -17.50 18.94
CA SER C 89 30.08 -18.86 19.32
C SER C 89 28.90 -19.75 19.68
N GLU C 90 28.10 -19.30 20.63
CA GLU C 90 26.95 -20.04 21.13
C GLU C 90 25.76 -20.08 20.18
N GLN C 91 25.45 -18.93 19.56
CA GLN C 91 24.32 -18.81 18.65
C GLN C 91 24.35 -19.76 17.45
N GLU C 92 23.20 -19.87 16.78
CA GLU C 92 23.05 -20.71 15.60
C GLU C 92 23.48 -19.91 14.37
N ILE C 93 24.41 -20.48 13.59
CA ILE C 93 24.91 -19.82 12.39
C ILE C 93 24.48 -20.59 11.14
N GLU C 94 23.53 -20.04 10.40
CA GLU C 94 23.04 -20.72 9.22
C GLU C 94 23.51 -20.06 7.93
N TYR C 95 23.96 -20.88 6.98
CA TYR C 95 24.41 -20.39 5.70
C TYR C 95 23.41 -20.74 4.62
N LEU C 96 23.11 -19.77 3.77
CA LEU C 96 22.17 -19.96 2.67
C LEU C 96 22.88 -19.44 1.43
N SER C 97 22.35 -19.75 0.25
CA SER C 97 22.98 -19.23 -0.95
C SER C 97 22.76 -17.71 -0.88
N HIS C 98 23.67 -16.94 -1.44
CA HIS C 98 23.52 -15.50 -1.41
C HIS C 98 22.13 -15.12 -1.90
N GLU C 99 21.69 -15.74 -2.98
CA GLU C 99 20.36 -15.48 -3.53
C GLU C 99 19.25 -15.65 -2.50
N GLU C 100 19.30 -16.75 -1.75
CA GLU C 100 18.30 -17.01 -0.73
C GLU C 100 18.43 -16.02 0.42
N PHE C 101 19.67 -15.65 0.73
CA PHE C 101 19.94 -14.70 1.79
C PHE C 101 19.24 -13.39 1.44
N LYS C 102 19.43 -12.92 0.21
CA LYS C 102 18.82 -11.67 -0.23
C LYS C 102 17.30 -11.73 -0.14
N LEU C 103 16.71 -12.88 -0.43
CA LEU C 103 15.27 -13.03 -0.34
C LEU C 103 14.85 -12.83 1.12
N LEU C 104 15.67 -13.32 2.05
CA LEU C 104 15.37 -13.21 3.47
C LEU C 104 15.48 -11.77 3.97
N THR C 105 16.37 -10.98 3.37
CA THR C 105 16.53 -9.60 3.79
C THR C 105 15.25 -8.76 3.61
N LYS C 106 14.28 -9.27 2.84
CA LYS C 106 13.02 -8.55 2.61
C LYS C 106 12.20 -8.50 3.89
N ASP C 107 12.41 -9.46 4.80
CA ASP C 107 11.67 -9.48 6.06
C ASP C 107 12.34 -8.64 7.12
N ALA C 108 13.56 -8.20 6.85
CA ALA C 108 14.32 -7.39 7.81
C ALA C 108 13.63 -6.08 8.19
N LYS C 109 13.87 -5.64 9.42
CA LYS C 109 13.33 -4.39 9.92
C LYS C 109 14.21 -3.25 9.43
N ALA C 110 15.44 -3.57 9.06
CA ALA C 110 16.39 -2.58 8.58
C ALA C 110 17.68 -3.19 8.05
N VAL C 111 18.36 -2.45 7.20
CA VAL C 111 19.63 -2.86 6.65
C VAL C 111 20.63 -1.78 7.05
N ILE C 112 21.64 -2.16 7.82
CA ILE C 112 22.68 -1.23 8.26
C ILE C 112 23.81 -1.36 7.25
N ARG C 113 24.08 -0.31 6.51
CA ARG C 113 25.12 -0.36 5.51
C ARG C 113 26.44 0.14 6.11
N THR C 114 27.45 -0.72 6.02
CA THR C 114 28.77 -0.38 6.52
C THR C 114 29.60 0.02 5.31
N GLY C 115 30.89 0.30 5.51
CA GLY C 115 31.75 0.67 4.40
C GLY C 115 32.57 -0.49 3.89
N GLU C 116 32.30 -1.69 4.41
CA GLU C 116 33.04 -2.89 4.02
C GLU C 116 33.08 -3.13 2.52
N PHE C 117 34.30 -3.22 1.98
CA PHE C 117 34.50 -3.45 0.56
C PHE C 117 34.99 -4.84 0.21
N THR C 118 34.53 -5.86 0.94
CA THR C 118 34.92 -7.23 0.62
C THR C 118 33.67 -8.06 0.35
N PRO C 119 33.76 -9.00 -0.59
CA PRO C 119 32.67 -9.90 -1.01
C PRO C 119 31.83 -10.58 0.07
N TYR C 120 30.53 -10.57 -0.13
CA TYR C 120 29.54 -11.20 0.75
C TYR C 120 29.70 -10.97 2.24
N ALA C 121 30.18 -9.79 2.63
CA ALA C 121 30.33 -9.47 4.04
C ALA C 121 28.99 -8.94 4.54
N ASN C 122 28.00 -9.82 4.59
CA ASN C 122 26.65 -9.46 5.05
C ASN C 122 26.13 -10.53 5.98
N CYS C 123 25.20 -10.16 6.85
CA CYS C 123 24.61 -11.14 7.74
C CYS C 123 23.30 -10.62 8.32
N ILE C 124 22.46 -11.55 8.74
CA ILE C 124 21.19 -11.26 9.34
C ILE C 124 21.28 -11.69 10.81
N LEU C 125 20.92 -10.79 11.71
CA LEU C 125 20.91 -11.09 13.13
C LEU C 125 19.45 -11.21 13.52
N GLN C 126 19.04 -12.39 13.97
CA GLN C 126 17.66 -12.62 14.39
C GLN C 126 17.61 -12.40 15.90
N ALA C 127 16.65 -11.59 16.35
CA ALA C 127 16.52 -11.26 17.77
C ALA C 127 16.04 -12.38 18.69
N GLY C 128 16.62 -12.42 19.88
CA GLY C 128 16.23 -13.42 20.88
C GLY C 128 15.35 -12.78 21.94
N VAL C 129 15.27 -13.38 23.12
CA VAL C 129 14.45 -12.87 24.22
C VAL C 129 15.28 -12.72 25.50
N LEU C 130 14.94 -11.72 26.33
CA LEU C 130 15.66 -11.49 27.57
C LEU C 130 15.09 -12.31 28.75
N PHE C 131 14.10 -13.14 28.44
CA PHE C 131 13.46 -13.97 29.46
C PHE C 131 12.82 -15.19 28.80
N MET D 1 -10.98 17.24 31.38
CA MET D 1 -10.49 15.84 31.26
C MET D 1 -11.64 14.87 31.04
N LYS D 2 -11.31 13.71 30.48
CA LYS D 2 -12.30 12.66 30.23
C LYS D 2 -12.68 12.10 31.61
N LYS D 3 -13.98 12.03 31.89
CA LYS D 3 -14.45 11.54 33.18
C LYS D 3 -14.53 10.02 33.35
N HIS D 4 -15.02 9.31 32.34
CA HIS D 4 -15.15 7.87 32.41
C HIS D 4 -14.26 7.14 31.41
N GLY D 5 -14.15 5.82 31.57
CA GLY D 5 -13.37 5.02 30.66
C GLY D 5 -11.92 4.80 31.06
N ILE D 6 -11.18 4.12 30.17
CA ILE D 6 -9.79 3.83 30.43
C ILE D 6 -8.99 5.11 30.45
N LEU D 7 -8.04 5.19 31.38
CA LEU D 7 -7.21 6.38 31.55
C LEU D 7 -6.21 6.66 30.44
N ASN D 8 -5.67 5.61 29.84
CA ASN D 8 -4.67 5.78 28.78
C ASN D 8 -5.29 6.30 27.48
N SER D 9 -4.81 7.45 27.03
CA SER D 9 -5.31 8.06 25.81
C SER D 9 -5.18 7.16 24.58
N HIS D 10 -4.00 6.60 24.36
CA HIS D 10 -3.79 5.73 23.19
C HIS D 10 -4.78 4.57 23.24
N LEU D 11 -4.92 3.94 24.41
CA LEU D 11 -5.84 2.81 24.55
C LEU D 11 -7.30 3.20 24.35
N ALA D 12 -7.70 4.34 24.90
CA ALA D 12 -9.08 4.81 24.76
C ALA D 12 -9.42 4.98 23.29
N LYS D 13 -8.49 5.53 22.52
CA LYS D 13 -8.73 5.72 21.09
C LYS D 13 -8.97 4.37 20.44
N ILE D 14 -8.19 3.37 20.83
CA ILE D 14 -8.36 2.03 20.28
C ILE D 14 -9.71 1.41 20.67
N LEU D 15 -10.07 1.48 21.95
CA LEU D 15 -11.35 0.93 22.39
C LEU D 15 -12.49 1.68 21.69
N ALA D 16 -12.34 2.99 21.57
CA ALA D 16 -13.34 3.83 20.91
C ALA D 16 -13.80 3.25 19.57
N ASP D 17 -12.85 2.69 18.80
CA ASP D 17 -13.19 2.14 17.49
C ASP D 17 -13.61 0.68 17.43
N LEU D 18 -13.52 -0.03 18.54
CA LEU D 18 -13.87 -1.43 18.56
C LEU D 18 -15.29 -1.76 18.11
N GLY D 19 -15.36 -2.68 17.16
CA GLY D 19 -16.63 -3.14 16.65
C GLY D 19 -16.64 -4.62 17.01
N HIS D 20 -17.81 -5.24 17.06
CA HIS D 20 -17.93 -6.65 17.39
C HIS D 20 -16.97 -7.54 16.58
N THR D 21 -16.16 -8.31 17.30
CA THR D 21 -15.14 -9.23 16.79
C THR D 21 -13.77 -8.62 16.54
N ASP D 22 -13.63 -7.30 16.68
CA ASP D 22 -12.31 -6.68 16.48
C ASP D 22 -11.40 -7.22 17.59
N LYS D 23 -10.11 -7.29 17.33
CA LYS D 23 -9.17 -7.81 18.30
C LYS D 23 -8.00 -6.92 18.65
N ILE D 24 -7.53 -7.03 19.89
CA ILE D 24 -6.38 -6.30 20.35
C ILE D 24 -5.51 -7.30 21.10
N VAL D 25 -4.24 -6.97 21.25
CA VAL D 25 -3.31 -7.86 21.93
C VAL D 25 -2.67 -7.22 23.16
N ILE D 26 -2.42 -8.04 24.17
CA ILE D 26 -1.70 -7.59 25.35
C ILE D 26 -0.49 -8.48 25.24
N ALA D 27 0.69 -7.87 25.21
CA ALA D 27 1.90 -8.64 25.01
C ALA D 27 2.94 -8.46 26.09
N ASP D 28 3.85 -9.42 26.18
CA ASP D 28 4.94 -9.34 27.14
C ASP D 28 6.03 -8.53 26.45
N ALA D 29 7.11 -8.22 27.17
CA ALA D 29 8.17 -7.40 26.63
C ALA D 29 8.89 -7.92 25.38
N GLY D 30 8.64 -9.17 25.00
CA GLY D 30 9.34 -9.71 23.85
C GLY D 30 8.55 -10.12 22.62
N LEU D 31 7.22 -10.01 22.67
CA LEU D 31 6.42 -10.39 21.51
C LEU D 31 6.72 -9.48 20.33
N PRO D 32 6.91 -10.07 19.13
CA PRO D 32 7.19 -9.26 17.94
C PRO D 32 5.86 -8.68 17.46
N VAL D 33 5.87 -7.45 16.98
CA VAL D 33 4.64 -6.82 16.47
C VAL D 33 4.68 -6.81 14.95
N PRO D 34 3.69 -7.44 14.31
CA PRO D 34 3.66 -7.48 12.84
C PRO D 34 3.67 -6.08 12.23
N ASP D 35 4.24 -5.94 11.04
CA ASP D 35 4.27 -4.64 10.38
C ASP D 35 2.85 -4.13 10.14
N GLY D 36 2.64 -2.84 10.35
CA GLY D 36 1.32 -2.26 10.13
C GLY D 36 0.40 -2.28 11.34
N VAL D 37 0.76 -3.05 12.36
CA VAL D 37 -0.07 -3.12 13.56
C VAL D 37 0.43 -2.09 14.57
N LEU D 38 -0.46 -1.21 15.00
CA LEU D 38 -0.12 -0.19 15.97
C LEU D 38 0.44 -0.75 17.27
N LYS D 39 1.58 -0.22 17.71
CA LYS D 39 2.18 -0.66 18.96
C LYS D 39 2.06 0.44 20.00
N ILE D 40 1.36 0.14 21.09
CA ILE D 40 1.20 1.07 22.21
C ILE D 40 1.97 0.46 23.37
N ASP D 41 3.18 0.97 23.62
CA ASP D 41 4.06 0.46 24.65
C ASP D 41 3.89 1.14 26.02
N LEU D 42 3.42 0.37 27.00
CA LEU D 42 3.19 0.87 28.36
C LEU D 42 4.36 0.61 29.30
N SER D 43 5.28 -0.25 28.88
CA SER D 43 6.43 -0.65 29.68
C SER D 43 7.22 0.48 30.33
N LEU D 44 7.54 0.29 31.61
CA LEU D 44 8.31 1.27 32.37
C LEU D 44 9.69 0.70 32.66
N LYS D 45 9.70 -0.57 33.05
CA LYS D 45 10.93 -1.29 33.33
C LYS D 45 10.58 -2.75 33.42
N PRO D 46 11.58 -3.64 33.38
CA PRO D 46 11.29 -5.07 33.45
C PRO D 46 10.23 -5.39 34.51
N GLY D 47 9.18 -6.08 34.08
CA GLY D 47 8.11 -6.44 34.99
C GLY D 47 7.01 -5.40 35.13
N LEU D 48 7.28 -4.15 34.75
CA LEU D 48 6.27 -3.08 34.89
C LEU D 48 5.86 -2.34 33.61
N PRO D 49 4.55 -2.29 33.33
CA PRO D 49 3.50 -2.90 34.15
C PRO D 49 3.40 -4.39 33.88
N ALA D 50 2.65 -5.09 34.72
CA ALA D 50 2.51 -6.53 34.59
C ALA D 50 1.38 -6.95 33.67
N PHE D 51 1.57 -8.10 33.02
CA PHE D 51 0.59 -8.67 32.13
C PHE D 51 -0.77 -8.67 32.82
N GLN D 52 -0.79 -9.26 34.02
CA GLN D 52 -2.01 -9.37 34.82
C GLN D 52 -2.70 -8.04 35.06
N ASP D 53 -1.96 -7.05 35.52
CA ASP D 53 -2.54 -5.74 35.81
C ASP D 53 -3.15 -5.12 34.56
N THR D 54 -2.45 -5.21 33.44
CA THR D 54 -2.94 -4.65 32.18
C THR D 54 -4.18 -5.40 31.70
N ALA D 55 -4.16 -6.73 31.83
CA ALA D 55 -5.28 -7.55 31.42
C ALA D 55 -6.53 -7.20 32.22
N ALA D 56 -6.33 -6.89 33.50
CA ALA D 56 -7.44 -6.55 34.40
C ALA D 56 -8.09 -5.22 34.00
N VAL D 57 -7.27 -4.22 33.71
CA VAL D 57 -7.80 -2.93 33.30
C VAL D 57 -8.58 -3.06 32.00
N LEU D 58 -7.98 -3.71 31.00
CA LEU D 58 -8.65 -3.87 29.72
C LEU D 58 -9.98 -4.62 29.85
N ALA D 59 -10.03 -5.58 30.76
CA ALA D 59 -11.24 -6.38 30.98
C ALA D 59 -12.36 -5.54 31.59
N GLU D 60 -11.97 -4.52 32.36
CA GLU D 60 -12.93 -3.63 33.00
C GLU D 60 -13.40 -2.54 32.02
N GLU D 61 -12.62 -2.30 30.98
CA GLU D 61 -12.95 -1.27 30.00
C GLU D 61 -13.42 -1.78 28.65
N MET D 62 -13.30 -3.08 28.41
CA MET D 62 -13.70 -3.66 27.13
C MET D 62 -14.61 -4.87 27.32
N ALA D 63 -15.58 -5.03 26.44
CA ALA D 63 -16.49 -6.15 26.49
C ALA D 63 -15.84 -7.25 25.66
N VAL D 64 -15.28 -8.23 26.36
CA VAL D 64 -14.58 -9.36 25.74
C VAL D 64 -15.52 -10.57 25.61
N GLU D 65 -15.65 -11.09 24.38
CA GLU D 65 -16.51 -12.25 24.16
C GLU D 65 -15.68 -13.52 23.97
N LYS D 66 -14.39 -13.34 23.71
CA LYS D 66 -13.49 -14.46 23.50
C LYS D 66 -12.05 -14.03 23.76
N VAL D 67 -11.25 -14.96 24.26
CA VAL D 67 -9.86 -14.69 24.56
C VAL D 67 -9.05 -15.78 23.88
N ILE D 68 -7.87 -15.42 23.36
CA ILE D 68 -7.02 -16.37 22.67
C ILE D 68 -5.61 -16.28 23.21
N ALA D 69 -4.99 -17.43 23.42
CA ALA D 69 -3.63 -17.47 23.95
C ALA D 69 -2.81 -18.61 23.36
N ALA D 70 -1.52 -18.59 23.60
CA ALA D 70 -0.63 -19.65 23.12
C ALA D 70 -0.71 -20.79 24.13
N ALA D 71 -0.84 -22.03 23.62
CA ALA D 71 -0.90 -23.19 24.49
C ALA D 71 0.37 -23.31 25.33
N GLU D 72 1.47 -22.74 24.86
CA GLU D 72 2.73 -22.79 25.58
C GLU D 72 2.69 -22.01 26.90
N ILE D 73 1.61 -21.26 27.13
CA ILE D 73 1.49 -20.48 28.37
C ILE D 73 1.17 -21.42 29.53
N LYS D 74 0.33 -22.41 29.27
CA LYS D 74 -0.07 -23.37 30.29
C LYS D 74 1.15 -24.08 30.87
N ALA D 75 2.03 -24.54 29.99
CA ALA D 75 3.22 -25.27 30.41
C ALA D 75 4.38 -24.42 30.91
N SER D 76 4.60 -23.26 30.30
CA SER D 76 5.72 -22.41 30.68
C SER D 76 5.40 -21.23 31.59
N ASN D 77 4.13 -20.94 31.80
CA ASN D 77 3.77 -19.80 32.64
C ASN D 77 2.45 -20.03 33.37
N GLN D 78 2.42 -21.05 34.21
CA GLN D 78 1.24 -21.41 34.98
C GLN D 78 0.53 -20.26 35.69
N GLU D 79 1.30 -19.41 36.35
CA GLU D 79 0.73 -18.30 37.08
C GLU D 79 -0.15 -17.42 36.17
N ASN D 80 0.43 -16.91 35.09
CA ASN D 80 -0.35 -16.07 34.18
C ASN D 80 -1.42 -16.83 33.42
N ALA D 81 -1.20 -18.12 33.19
CA ALA D 81 -2.18 -18.93 32.48
C ALA D 81 -3.46 -19.13 33.31
N LYS D 82 -3.31 -19.33 34.61
CA LYS D 82 -4.47 -19.52 35.48
C LYS D 82 -5.15 -18.19 35.75
N PHE D 83 -4.36 -17.12 35.78
CA PHE D 83 -4.88 -15.78 35.98
C PHE D 83 -5.93 -15.53 34.88
N LEU D 84 -5.54 -15.79 33.64
CA LEU D 84 -6.42 -15.60 32.49
C LEU D 84 -7.71 -16.37 32.63
N GLU D 85 -7.60 -17.66 32.90
CA GLU D 85 -8.76 -18.52 33.07
C GLU D 85 -9.69 -17.97 34.15
N ASN D 86 -9.10 -17.39 35.19
CA ASN D 86 -9.88 -16.82 36.28
C ASN D 86 -10.54 -15.50 35.89
N LEU D 87 -9.75 -14.56 35.36
CA LEU D 87 -10.28 -13.26 34.96
C LEU D 87 -11.39 -13.42 33.91
N PHE D 88 -11.15 -14.27 32.92
CA PHE D 88 -12.13 -14.46 31.86
C PHE D 88 -12.89 -15.78 32.03
N SER D 89 -13.34 -16.02 33.25
CA SER D 89 -14.09 -17.22 33.58
C SER D 89 -15.34 -17.44 32.70
N GLU D 90 -16.00 -16.36 32.33
CA GLU D 90 -17.20 -16.46 31.50
C GLU D 90 -16.97 -16.44 29.99
N GLN D 91 -15.80 -15.98 29.56
CA GLN D 91 -15.50 -15.92 28.13
C GLN D 91 -14.95 -17.23 27.58
N GLU D 92 -15.16 -17.41 26.28
CA GLU D 92 -14.66 -18.60 25.59
C GLU D 92 -13.15 -18.41 25.47
N ILE D 93 -12.38 -19.37 25.95
CA ILE D 93 -10.94 -19.28 25.89
C ILE D 93 -10.38 -20.33 24.92
N GLU D 94 -9.67 -19.86 23.90
CA GLU D 94 -9.08 -20.76 22.92
C GLU D 94 -7.56 -20.68 22.90
N TYR D 95 -6.91 -21.83 22.86
CA TYR D 95 -5.46 -21.88 22.82
C TYR D 95 -5.01 -22.38 21.45
N LEU D 96 -3.97 -21.75 20.92
CA LEU D 96 -3.40 -22.11 19.62
C LEU D 96 -1.92 -22.21 19.90
N SER D 97 -1.17 -22.79 18.96
CA SER D 97 0.27 -22.86 19.17
C SER D 97 0.75 -21.41 19.15
N HIS D 98 1.89 -21.14 19.75
CA HIS D 98 2.40 -19.78 19.77
C HIS D 98 2.53 -19.26 18.33
N GLU D 99 3.02 -20.10 17.43
CA GLU D 99 3.20 -19.72 16.03
C GLU D 99 1.88 -19.27 15.40
N GLU D 100 0.82 -20.01 15.65
CA GLU D 100 -0.50 -19.69 15.12
C GLU D 100 -1.04 -18.42 15.77
N PHE D 101 -0.71 -18.23 17.04
CA PHE D 101 -1.15 -17.06 17.80
C PHE D 101 -0.57 -15.82 17.12
N LYS D 102 0.74 -15.84 16.92
CA LYS D 102 1.44 -14.72 16.30
C LYS D 102 0.85 -14.41 14.94
N LEU D 103 0.56 -15.45 14.18
CA LEU D 103 -0.04 -15.28 12.87
C LEU D 103 -1.32 -14.47 13.04
N LEU D 104 -2.10 -14.82 14.06
CA LEU D 104 -3.36 -14.14 14.31
C LEU D 104 -3.18 -12.70 14.76
N THR D 105 -2.05 -12.38 15.38
CA THR D 105 -1.85 -11.01 15.84
C THR D 105 -1.77 -10.00 14.69
N LYS D 106 -1.65 -10.51 13.46
CA LYS D 106 -1.57 -9.65 12.27
C LYS D 106 -2.90 -8.96 12.03
N ASP D 107 -3.98 -9.55 12.53
CA ASP D 107 -5.32 -8.97 12.37
C ASP D 107 -5.68 -8.02 13.49
N ALA D 108 -4.85 -7.94 14.52
CA ALA D 108 -5.13 -7.07 15.66
C ALA D 108 -5.14 -5.58 15.32
N LYS D 109 -5.97 -4.82 16.03
CA LYS D 109 -6.07 -3.37 15.82
C LYS D 109 -4.85 -2.73 16.47
N ALA D 110 -4.26 -3.43 17.43
CA ALA D 110 -3.09 -2.91 18.11
C ALA D 110 -2.52 -3.93 19.07
N VAL D 111 -1.26 -3.72 19.41
CA VAL D 111 -0.58 -4.59 20.36
C VAL D 111 -0.15 -3.69 21.51
N ILE D 112 -0.66 -3.98 22.70
CA ILE D 112 -0.33 -3.23 23.91
C ILE D 112 0.84 -3.96 24.55
N ARG D 113 2.01 -3.35 24.51
CA ARG D 113 3.19 -3.97 25.08
C ARG D 113 3.34 -3.64 26.56
N THR D 114 3.39 -4.67 27.41
CA THR D 114 3.55 -4.50 28.85
C THR D 114 5.02 -4.72 29.18
N GLY D 115 5.34 -4.68 30.47
CA GLY D 115 6.72 -4.91 30.89
C GLY D 115 6.93 -6.35 31.33
N GLU D 116 5.90 -7.17 31.15
CA GLU D 116 5.94 -8.57 31.56
C GLU D 116 7.17 -9.30 31.04
N PHE D 117 7.92 -9.89 31.96
CA PHE D 117 9.14 -10.62 31.63
C PHE D 117 9.07 -12.11 31.92
N THR D 118 7.92 -12.71 31.62
CA THR D 118 7.73 -14.14 31.80
C THR D 118 7.22 -14.69 30.47
N PRO D 119 7.68 -15.89 30.09
CA PRO D 119 7.35 -16.64 28.88
C PRO D 119 5.90 -16.72 28.44
N TYR D 120 5.68 -16.40 27.17
CA TYR D 120 4.35 -16.47 26.54
C TYR D 120 3.21 -15.73 27.22
N ALA D 121 3.53 -14.65 27.92
CA ALA D 121 2.49 -13.87 28.59
C ALA D 121 1.88 -12.94 27.54
N ASN D 122 1.04 -13.51 26.68
CA ASN D 122 0.37 -12.78 25.61
C ASN D 122 -1.04 -13.31 25.41
N CYS D 123 -1.95 -12.43 25.01
CA CYS D 123 -3.31 -12.86 24.76
C CYS D 123 -4.01 -11.91 23.81
N ILE D 124 -5.01 -12.41 23.12
CA ILE D 124 -5.80 -11.60 22.21
C ILE D 124 -7.20 -11.48 22.80
N LEU D 125 -7.68 -10.26 22.89
CA LEU D 125 -9.02 -10.02 23.42
C LEU D 125 -9.90 -9.68 22.23
N GLN D 126 -10.92 -10.50 22.02
CA GLN D 126 -11.85 -10.29 20.93
C GLN D 126 -13.07 -9.54 21.45
N ALA D 127 -13.37 -8.38 20.85
CA ALA D 127 -14.47 -7.54 21.28
C ALA D 127 -15.87 -8.16 21.16
N GLY D 128 -16.67 -7.97 22.19
CA GLY D 128 -18.03 -8.48 22.18
C GLY D 128 -18.94 -7.35 21.73
N VAL D 129 -20.21 -7.43 22.09
CA VAL D 129 -21.17 -6.40 21.70
C VAL D 129 -22.07 -6.07 22.88
N LEU D 130 -22.40 -4.78 23.04
CA LEU D 130 -23.24 -4.33 24.15
C LEU D 130 -24.73 -4.56 23.94
N PHE D 131 -25.10 -5.19 22.84
CA PHE D 131 -26.52 -5.44 22.55
C PHE D 131 -26.70 -6.60 21.59
N MET E 1 -23.26 29.07 3.49
CA MET E 1 -23.68 27.65 3.72
C MET E 1 -24.26 27.04 2.46
N LYS E 2 -24.15 25.72 2.36
CA LYS E 2 -24.65 24.94 1.25
C LYS E 2 -26.19 25.04 1.29
N LYS E 3 -26.81 25.40 0.16
CA LYS E 3 -28.27 25.55 0.14
C LYS E 3 -29.05 24.24 0.13
N HIS E 4 -28.60 23.28 -0.67
CA HIS E 4 -29.30 22.01 -0.80
C HIS E 4 -28.49 20.76 -0.42
N GLY E 5 -29.18 19.63 -0.36
CA GLY E 5 -28.50 18.39 -0.05
C GLY E 5 -28.42 18.02 1.43
N ILE E 6 -27.74 16.92 1.71
CA ILE E 6 -27.62 16.45 3.07
C ILE E 6 -26.87 17.46 3.94
N LEU E 7 -27.31 17.61 5.18
CA LEU E 7 -26.70 18.55 6.11
C LEU E 7 -25.31 18.17 6.63
N ASN E 8 -25.00 16.88 6.70
CA ASN E 8 -23.70 16.46 7.21
C ASN E 8 -22.55 16.66 6.21
N SER E 9 -21.56 17.44 6.64
CA SER E 9 -20.40 17.73 5.80
C SER E 9 -19.66 16.48 5.36
N HIS E 10 -19.39 15.57 6.30
CA HIS E 10 -18.68 14.34 5.95
C HIS E 10 -19.51 13.54 4.95
N LEU E 11 -20.81 13.39 5.25
CA LEU E 11 -21.70 12.63 4.36
C LEU E 11 -21.85 13.24 2.96
N ALA E 12 -21.97 14.57 2.89
CA ALA E 12 -22.11 15.24 1.59
C ALA E 12 -20.90 14.92 0.73
N LYS E 13 -19.73 14.91 1.35
CA LYS E 13 -18.50 14.61 0.62
C LYS E 13 -18.56 13.22 0.03
N ILE E 14 -19.07 12.26 0.81
CA ILE E 14 -19.18 10.88 0.36
C ILE E 14 -20.20 10.76 -0.78
N LEU E 15 -21.36 11.38 -0.61
CA LEU E 15 -22.38 11.30 -1.65
C LEU E 15 -21.88 11.96 -2.92
N ALA E 16 -21.15 13.06 -2.75
CA ALA E 16 -20.61 13.82 -3.88
C ALA E 16 -19.82 12.94 -4.83
N ASP E 17 -19.05 11.99 -4.29
CA ASP E 17 -18.24 11.10 -5.10
C ASP E 17 -18.93 9.82 -5.57
N LEU E 18 -20.17 9.59 -5.14
CA LEU E 18 -20.89 8.39 -5.55
C LEU E 18 -21.07 8.23 -7.06
N GLY E 19 -20.67 7.06 -7.54
CA GLY E 19 -20.82 6.72 -8.94
C GLY E 19 -21.81 5.57 -8.97
N HIS E 20 -22.33 5.23 -10.13
CA HIS E 20 -23.29 4.13 -10.26
C HIS E 20 -22.73 2.81 -9.74
N THR E 21 -23.39 2.26 -8.72
CA THR E 21 -23.07 1.00 -8.04
C THR E 21 -22.15 1.13 -6.82
N ASP E 22 -21.62 2.32 -6.54
CA ASP E 22 -20.78 2.48 -5.35
C ASP E 22 -21.64 2.18 -4.12
N LYS E 23 -21.03 1.71 -3.03
CA LYS E 23 -21.77 1.36 -1.83
C LYS E 23 -21.40 2.08 -0.54
N ILE E 24 -22.39 2.34 0.31
CA ILE E 24 -22.11 2.94 1.61
C ILE E 24 -22.85 2.12 2.65
N VAL E 25 -22.38 2.17 3.90
CA VAL E 25 -23.01 1.39 4.94
C VAL E 25 -23.60 2.26 6.04
N ILE E 26 -24.75 1.84 6.54
CA ILE E 26 -25.42 2.52 7.64
C ILE E 26 -25.36 1.41 8.67
N ALA E 27 -24.66 1.65 9.78
CA ALA E 27 -24.49 0.59 10.75
C ALA E 27 -24.96 0.87 12.17
N ASP E 28 -25.21 -0.22 12.91
CA ASP E 28 -25.61 -0.07 14.29
C ASP E 28 -24.28 0.19 15.00
N ALA E 29 -24.32 0.43 16.31
CA ALA E 29 -23.11 0.75 17.08
C ALA E 29 -22.10 -0.38 17.26
N GLY E 30 -22.44 -1.60 16.86
CA GLY E 30 -21.52 -2.70 17.06
C GLY E 30 -20.83 -3.26 15.82
N LEU E 31 -21.25 -2.83 14.63
CA LEU E 31 -20.66 -3.33 13.40
C LEU E 31 -19.20 -2.95 13.27
N PRO E 32 -18.32 -3.95 13.07
CA PRO E 32 -16.89 -3.68 12.93
C PRO E 32 -16.68 -3.02 11.56
N VAL E 33 -15.77 -2.06 11.48
CA VAL E 33 -15.50 -1.38 10.21
C VAL E 33 -14.21 -1.95 9.64
N PRO E 34 -14.27 -2.50 8.43
CA PRO E 34 -13.06 -3.08 7.80
C PRO E 34 -11.94 -2.02 7.69
N ASP E 35 -10.69 -2.48 7.79
CA ASP E 35 -9.54 -1.59 7.69
C ASP E 35 -9.50 -0.91 6.32
N GLY E 36 -9.30 0.40 6.32
CA GLY E 36 -9.25 1.13 5.08
C GLY E 36 -10.55 1.82 4.72
N VAL E 37 -11.65 1.37 5.32
CA VAL E 37 -12.96 1.95 5.05
C VAL E 37 -13.22 3.13 5.98
N LEU E 38 -13.48 4.30 5.40
CA LEU E 38 -13.76 5.50 6.18
C LEU E 38 -14.95 5.29 7.12
N LYS E 39 -14.80 5.75 8.36
CA LYS E 39 -15.87 5.62 9.34
C LYS E 39 -16.38 7.00 9.72
N ILE E 40 -17.65 7.26 9.43
CA ILE E 40 -18.25 8.53 9.80
C ILE E 40 -19.23 8.19 10.91
N ASP E 41 -18.84 8.52 12.14
CA ASP E 41 -19.62 8.22 13.33
C ASP E 41 -20.55 9.34 13.78
N LEU E 42 -21.85 9.09 13.69
CA LEU E 42 -22.85 10.09 14.08
C LEU E 42 -23.42 9.85 15.46
N SER E 43 -23.05 8.73 16.09
CA SER E 43 -23.58 8.38 17.41
C SER E 43 -23.41 9.47 18.47
N LEU E 44 -24.46 9.66 19.26
CA LEU E 44 -24.47 10.65 20.33
C LEU E 44 -24.54 9.88 21.63
N LYS E 45 -25.40 8.87 21.66
CA LYS E 45 -25.56 8.02 22.82
C LYS E 45 -26.40 6.83 22.41
N PRO E 46 -26.45 5.78 23.23
CA PRO E 46 -27.24 4.60 22.88
C PRO E 46 -28.61 4.91 22.29
N GLY E 47 -28.82 4.44 21.05
CA GLY E 47 -30.08 4.67 20.38
C GLY E 47 -30.15 5.93 19.54
N LEU E 48 -29.17 6.82 19.69
CA LEU E 48 -29.20 8.09 18.94
C LEU E 48 -27.92 8.44 18.17
N PRO E 49 -28.03 8.69 16.86
CA PRO E 49 -29.27 8.65 16.08
C PRO E 49 -29.69 7.23 15.78
N ALA E 50 -30.97 7.03 15.51
CA ALA E 50 -31.50 5.70 15.26
C ALA E 50 -31.25 5.20 13.83
N PHE E 51 -31.14 3.88 13.69
CA PHE E 51 -30.90 3.26 12.40
C PHE E 51 -31.91 3.79 11.38
N GLN E 52 -33.17 3.83 11.78
CA GLN E 52 -34.25 4.29 10.91
C GLN E 52 -34.12 5.74 10.46
N ASP E 53 -33.99 6.65 11.44
CA ASP E 53 -33.86 8.07 11.13
C ASP E 53 -32.74 8.31 10.15
N THR E 54 -31.61 7.64 10.36
CA THR E 54 -30.46 7.80 9.49
C THR E 54 -30.76 7.25 8.10
N ALA E 55 -31.39 6.08 8.03
CA ALA E 55 -31.72 5.48 6.76
C ALA E 55 -32.70 6.35 5.95
N ALA E 56 -33.60 7.01 6.65
CA ALA E 56 -34.58 7.86 6.00
C ALA E 56 -33.85 9.03 5.33
N VAL E 57 -32.94 9.65 6.06
CA VAL E 57 -32.19 10.79 5.56
C VAL E 57 -31.35 10.41 4.33
N LEU E 58 -30.64 9.30 4.40
CA LEU E 58 -29.82 8.87 3.27
C LEU E 58 -30.67 8.54 2.05
N ALA E 59 -31.86 7.99 2.31
CA ALA E 59 -32.77 7.62 1.23
C ALA E 59 -33.26 8.87 0.52
N GLU E 60 -33.42 9.95 1.26
CA GLU E 60 -33.88 11.20 0.69
C GLU E 60 -32.78 11.95 -0.05
N GLU E 61 -31.52 11.64 0.25
CA GLU E 61 -30.41 12.34 -0.38
C GLU E 61 -29.57 11.53 -1.35
N MET E 62 -29.85 10.23 -1.44
CA MET E 62 -29.09 9.34 -2.33
C MET E 62 -30.00 8.47 -3.20
N ALA E 63 -29.66 8.36 -4.49
CA ALA E 63 -30.44 7.52 -5.41
C ALA E 63 -29.94 6.09 -5.18
N VAL E 64 -30.80 5.27 -4.58
CA VAL E 64 -30.49 3.89 -4.27
C VAL E 64 -31.19 2.91 -5.20
N GLU E 65 -30.43 1.98 -5.77
CA GLU E 65 -30.99 0.99 -6.69
C GLU E 65 -31.02 -0.37 -6.03
N LYS E 66 -30.37 -0.48 -4.87
CA LYS E 66 -30.33 -1.74 -4.16
C LYS E 66 -29.92 -1.60 -2.71
N VAL E 67 -30.56 -2.39 -1.87
CA VAL E 67 -30.27 -2.39 -0.45
C VAL E 67 -29.91 -3.82 -0.06
N ILE E 68 -28.86 -3.97 0.75
CA ILE E 68 -28.43 -5.30 1.17
C ILE E 68 -28.42 -5.32 2.69
N ALA E 69 -28.90 -6.43 3.26
CA ALA E 69 -28.95 -6.56 4.71
C ALA E 69 -28.65 -8.00 5.12
N ALA E 70 -28.36 -8.21 6.40
CA ALA E 70 -28.08 -9.56 6.91
C ALA E 70 -29.41 -10.21 7.25
N ALA E 71 -29.62 -11.43 6.78
CA ALA E 71 -30.85 -12.17 7.04
C ALA E 71 -31.17 -12.21 8.53
N GLU E 72 -30.14 -12.18 9.36
CA GLU E 72 -30.33 -12.20 10.81
C GLU E 72 -31.23 -11.08 11.33
N ILE E 73 -31.32 -9.97 10.59
CA ILE E 73 -32.12 -8.85 11.03
C ILE E 73 -33.61 -9.23 11.11
N LYS E 74 -34.01 -10.19 10.28
CA LYS E 74 -35.39 -10.65 10.26
C LYS E 74 -35.76 -11.42 11.53
N ALA E 75 -34.79 -12.13 12.11
CA ALA E 75 -35.01 -12.94 13.31
C ALA E 75 -35.12 -12.17 14.62
N SER E 76 -34.08 -11.39 14.93
CA SER E 76 -34.04 -10.65 16.18
C SER E 76 -34.54 -9.22 16.11
N ASN E 77 -34.63 -8.67 14.90
CA ASN E 77 -35.05 -7.27 14.76
C ASN E 77 -36.04 -7.01 13.65
N GLN E 78 -37.27 -7.46 13.84
CA GLN E 78 -38.34 -7.28 12.84
C GLN E 78 -38.73 -5.81 12.63
N GLU E 79 -38.58 -4.99 13.67
CA GLU E 79 -38.92 -3.57 13.58
C GLU E 79 -38.22 -2.92 12.40
N ASN E 80 -36.89 -2.84 12.50
CA ASN E 80 -36.06 -2.23 11.47
C ASN E 80 -36.11 -3.00 10.15
N ALA E 81 -36.32 -4.31 10.23
CA ALA E 81 -36.40 -5.13 9.04
C ALA E 81 -37.59 -4.72 8.17
N LYS E 82 -38.69 -4.33 8.81
CA LYS E 82 -39.89 -3.92 8.08
C LYS E 82 -39.79 -2.46 7.67
N PHE E 83 -39.07 -1.68 8.46
CA PHE E 83 -38.88 -0.27 8.16
C PHE E 83 -38.11 -0.17 6.85
N LEU E 84 -37.01 -0.91 6.78
CA LEU E 84 -36.14 -0.92 5.62
C LEU E 84 -36.91 -1.38 4.37
N GLU E 85 -37.75 -2.38 4.56
CA GLU E 85 -38.55 -2.93 3.46
C GLU E 85 -39.54 -1.91 2.91
N ASN E 86 -40.20 -1.18 3.82
CA ASN E 86 -41.17 -0.17 3.42
C ASN E 86 -40.48 1.06 2.82
N LEU E 87 -39.41 1.52 3.48
CA LEU E 87 -38.67 2.69 3.00
C LEU E 87 -38.19 2.47 1.57
N PHE E 88 -37.63 1.30 1.29
CA PHE E 88 -37.14 1.01 -0.05
C PHE E 88 -38.06 0.06 -0.81
N SER E 89 -39.35 0.35 -0.76
CA SER E 89 -40.37 -0.48 -1.41
C SER E 89 -40.08 -0.82 -2.87
N GLU E 90 -39.56 0.15 -3.63
CA GLU E 90 -39.28 -0.06 -5.04
C GLU E 90 -37.89 -0.61 -5.36
N GLN E 91 -36.93 -0.39 -4.47
CA GLN E 91 -35.57 -0.87 -4.70
C GLN E 91 -35.44 -2.38 -4.52
N GLU E 92 -34.27 -2.89 -4.87
CA GLU E 92 -33.97 -4.32 -4.76
C GLU E 92 -33.39 -4.62 -3.38
N ILE E 93 -34.09 -5.46 -2.60
CA ILE E 93 -33.64 -5.80 -1.25
C ILE E 93 -33.16 -7.24 -1.14
N GLU E 94 -31.85 -7.39 -0.93
CA GLU E 94 -31.27 -8.71 -0.82
C GLU E 94 -30.75 -9.01 0.58
N TYR E 95 -30.95 -10.24 1.03
CA TYR E 95 -30.48 -10.65 2.34
C TYR E 95 -29.37 -11.67 2.19
N LEU E 96 -28.29 -11.45 2.93
CA LEU E 96 -27.15 -12.34 2.91
C LEU E 96 -26.94 -12.71 4.36
N SER E 97 -26.08 -13.69 4.61
CA SER E 97 -25.79 -14.05 5.99
C SER E 97 -24.99 -12.86 6.52
N HIS E 98 -25.07 -12.61 7.82
CA HIS E 98 -24.34 -11.50 8.39
C HIS E 98 -22.86 -11.58 8.01
N GLU E 99 -22.31 -12.79 8.03
CA GLU E 99 -20.91 -12.99 7.66
C GLU E 99 -20.64 -12.45 6.25
N GLU E 100 -21.39 -12.93 5.27
CA GLU E 100 -21.24 -12.48 3.89
C GLU E 100 -21.45 -10.96 3.80
N PHE E 101 -22.40 -10.46 4.58
CA PHE E 101 -22.69 -9.04 4.59
C PHE E 101 -21.44 -8.26 5.00
N LYS E 102 -20.76 -8.72 6.04
CA LYS E 102 -19.56 -8.04 6.51
C LYS E 102 -18.46 -8.08 5.47
N LEU E 103 -18.37 -9.19 4.74
CA LEU E 103 -17.35 -9.33 3.69
C LEU E 103 -17.59 -8.21 2.67
N LEU E 104 -18.85 -8.04 2.28
CA LEU E 104 -19.23 -7.02 1.32
C LEU E 104 -18.91 -5.59 1.79
N THR E 105 -18.91 -5.36 3.10
CA THR E 105 -18.62 -4.01 3.59
C THR E 105 -17.17 -3.59 3.31
N LYS E 106 -16.34 -4.53 2.87
CA LYS E 106 -14.95 -4.21 2.55
C LYS E 106 -14.92 -3.31 1.32
N ASP E 107 -15.94 -3.43 0.48
CA ASP E 107 -16.01 -2.63 -0.75
C ASP E 107 -16.77 -1.31 -0.57
N ALA E 108 -17.25 -1.05 0.63
CA ALA E 108 -17.99 0.19 0.87
C ALA E 108 -17.06 1.41 0.82
N LYS E 109 -17.62 2.56 0.45
CA LYS E 109 -16.85 3.80 0.39
C LYS E 109 -16.74 4.39 1.79
N ALA E 110 -17.68 4.02 2.64
CA ALA E 110 -17.71 4.51 4.00
C ALA E 110 -18.74 3.74 4.81
N VAL E 111 -18.57 3.76 6.14
CA VAL E 111 -19.50 3.12 7.05
C VAL E 111 -20.01 4.24 7.94
N ILE E 112 -21.32 4.46 7.92
CA ILE E 112 -21.94 5.48 8.76
C ILE E 112 -22.41 4.79 10.02
N ARG E 113 -21.80 5.13 11.16
CA ARG E 113 -22.16 4.51 12.43
C ARG E 113 -23.21 5.32 13.18
N THR E 114 -24.33 4.69 13.50
CA THR E 114 -25.41 5.34 14.23
C THR E 114 -25.34 4.87 15.68
N GLY E 115 -26.30 5.29 16.50
CA GLY E 115 -26.32 4.87 17.89
C GLY E 115 -27.23 3.68 18.12
N GLU E 116 -27.75 3.11 17.04
CA GLU E 116 -28.67 1.97 17.12
C GLU E 116 -28.12 0.81 17.94
N PHE E 117 -28.81 0.49 19.03
CA PHE E 117 -28.41 -0.60 19.92
C PHE E 117 -29.29 -1.83 19.78
N THR E 118 -29.60 -2.22 18.54
CA THR E 118 -30.42 -3.39 18.30
C THR E 118 -29.68 -4.29 17.29
N PRO E 119 -29.77 -5.61 17.45
CA PRO E 119 -29.11 -6.60 16.58
C PRO E 119 -29.26 -6.45 15.08
N TYR E 120 -28.12 -6.62 14.40
CA TYR E 120 -28.04 -6.57 12.94
C TYR E 120 -28.75 -5.42 12.26
N ALA E 121 -28.78 -4.26 12.89
CA ALA E 121 -29.42 -3.10 12.30
C ALA E 121 -28.38 -2.43 11.41
N ASN E 122 -28.09 -3.06 10.28
CA ASN E 122 -27.10 -2.57 9.31
C ASN E 122 -27.57 -2.83 7.89
N CYS E 123 -27.17 -1.96 6.96
CA CYS E 123 -27.51 -2.15 5.57
C CYS E 123 -26.52 -1.47 4.66
N ILE E 124 -26.49 -1.93 3.41
CA ILE E 124 -25.62 -1.37 2.40
C ILE E 124 -26.51 -0.71 1.35
N LEU E 125 -26.31 0.58 1.14
CA LEU E 125 -27.07 1.28 0.11
C LEU E 125 -26.17 1.30 -1.12
N GLN E 126 -26.68 0.75 -2.23
CA GLN E 126 -25.93 0.73 -3.47
C GLN E 126 -26.47 1.82 -4.38
N ALA E 127 -25.58 2.72 -4.80
CA ALA E 127 -25.92 3.86 -5.63
C ALA E 127 -26.55 3.57 -6.99
N GLY E 128 -27.62 4.29 -7.27
CA GLY E 128 -28.29 4.15 -8.55
C GLY E 128 -27.70 5.18 -9.48
N VAL E 129 -28.45 5.58 -10.51
CA VAL E 129 -27.98 6.58 -11.45
C VAL E 129 -29.12 7.51 -11.83
N LEU E 130 -28.80 8.80 -11.98
CA LEU E 130 -29.81 9.82 -12.28
C LEU E 130 -30.29 9.92 -13.73
N PHE E 131 -29.70 9.13 -14.63
CA PHE E 131 -30.09 9.16 -16.04
C PHE E 131 -29.96 7.77 -16.65
C1 GOL F . -22.16 4.97 -16.03
O1 GOL F . -21.08 5.75 -16.56
C2 GOL F . -23.10 4.52 -17.22
O2 GOL F . -23.89 5.65 -17.62
C3 GOL F . -24.08 3.37 -16.81
O3 GOL F . -24.94 3.73 -15.71
CL CL G . 1.08 21.50 -21.63
C1 GOL H . 8.34 3.73 -26.28
O1 GOL H . 9.47 3.98 -25.46
C2 GOL H . 8.78 2.92 -27.58
O2 GOL H . 9.75 3.73 -28.28
C3 GOL H . 7.59 2.62 -28.55
O3 GOL H . 6.68 3.72 -28.75
C1 GOL I . 26.70 -7.77 -2.08
O1 GOL I . 26.50 -7.41 -0.71
C2 GOL I . 27.68 -9.02 -2.16
O2 GOL I . 28.97 -8.61 -1.73
C3 GOL I . 27.80 -9.60 -3.62
O3 GOL I . 28.01 -8.59 -4.64
C1 GOL J . 7.21 -13.73 23.05
O1 GOL J . 6.19 -12.88 23.54
C2 GOL J . 7.19 -15.11 23.84
O2 GOL J . 7.31 -14.81 25.24
C3 GOL J . 8.38 -16.05 23.44
O3 GOL J . 9.66 -15.40 23.49
C1 GOL K . -23.11 -5.85 14.40
O1 GOL K . -23.49 -4.59 13.85
C2 GOL K . -24.39 -6.77 14.57
O2 GOL K . -25.32 -6.09 15.44
C3 GOL K . -24.05 -8.16 15.23
O3 GOL K . -23.41 -8.04 16.52
CL CL L . -13.35 6.57 26.64
#